data_4LFD
#
_entry.id   4LFD
#
_cell.length_a   102.600
_cell.length_b   59.120
_cell.length_c   72.490
_cell.angle_alpha   90.00
_cell.angle_beta   90.02
_cell.angle_gamma   90.00
#
_symmetry.space_group_name_H-M   'P 1 21 1'
#
loop_
_entity.id
_entity.type
_entity.pdbx_description
1 polymer 'Sortase B'
2 polymer '(CBZ)NPQ(B27) PEPTIDE'
3 non-polymer 'SULFATE ION'
4 water water
#
loop_
_entity_poly.entity_id
_entity_poly.type
_entity_poly.pdbx_seq_one_letter_code
_entity_poly.pdbx_strand_id
1 'polypeptide(L)'
;SMEDKQERANYEKLQQKFQMLMSKHQEHVRPQFESLEKINKDIVGWIKLSGTSLNYPVLQGKTNHDYLNLDFEREHRRKG
SIFMDFRNELKNLNHNTILYGHHVGDNTMFDVLEDYLKQSFYEKHKIIEFDNKYGKYQLQVFSAYKTTTKDNYIRTDFEN
DQDYQQFLDETKRKSVINSDVNVTVKDRIMTLSTCEDAYSETTKRIVVVAKIIKVS
;
A,B,C,D
2 'polypeptide(L)' (PHQ)NPQ(B27) E,F,G,H
#
# COMPACT_ATOMS: atom_id res chain seq x y z
N SER A 1 -33.17 37.40 13.37
CA SER A 1 -33.73 36.07 13.60
C SER A 1 -34.02 35.31 12.31
N MET A 2 -34.75 35.92 11.35
CA MET A 2 -34.99 35.25 10.06
C MET A 2 -33.67 35.05 9.32
N GLU A 3 -32.81 36.07 9.31
CA GLU A 3 -31.53 35.97 8.64
C GLU A 3 -30.76 34.91 9.42
N ASP A 4 -30.41 35.27 10.67
CA ASP A 4 -29.55 34.56 11.60
C ASP A 4 -29.75 33.06 11.63
N LYS A 5 -30.93 32.62 12.10
CA LYS A 5 -31.28 31.23 12.30
C LYS A 5 -31.26 30.47 10.98
N GLN A 6 -31.76 31.10 9.91
CA GLN A 6 -31.82 30.48 8.59
C GLN A 6 -30.42 30.31 8.03
N GLU A 7 -29.58 31.37 8.17
CA GLU A 7 -28.19 31.35 7.72
C GLU A 7 -27.50 30.23 8.44
N ARG A 8 -27.66 30.17 9.75
CA ARG A 8 -27.01 29.19 10.59
C ARG A 8 -27.42 27.76 10.18
N ALA A 9 -28.74 27.58 9.94
CA ALA A 9 -29.30 26.30 9.51
C ALA A 9 -28.69 25.83 8.21
N ASN A 10 -28.57 26.75 7.24
CA ASN A 10 -28.00 26.42 5.95
C ASN A 10 -26.55 25.98 6.03
N TYR A 11 -25.78 26.59 6.94
CA TYR A 11 -24.38 26.21 7.14
C TYR A 11 -24.29 24.87 7.79
N GLU A 12 -25.18 24.61 8.78
CA GLU A 12 -25.25 23.32 9.47
C GLU A 12 -25.53 22.23 8.45
N LYS A 13 -26.49 22.45 7.57
CA LYS A 13 -26.86 21.51 6.53
C LYS A 13 -25.68 21.21 5.61
N LEU A 14 -24.97 22.24 5.16
CA LEU A 14 -23.82 22.07 4.25
C LEU A 14 -22.69 21.37 4.95
N GLN A 15 -22.42 21.74 6.23
CA GLN A 15 -21.40 21.10 7.05
C GLN A 15 -21.65 19.61 7.16
N GLN A 16 -22.92 19.23 7.37
CA GLN A 16 -23.36 17.85 7.47
C GLN A 16 -23.15 17.10 6.16
N LYS A 17 -23.57 17.70 5.01
CA LYS A 17 -23.38 17.14 3.67
C LYS A 17 -21.90 16.84 3.43
N PHE A 18 -21.01 17.80 3.75
CA PHE A 18 -19.57 17.65 3.58
C PHE A 18 -18.96 16.53 4.48
N GLN A 19 -19.38 16.43 5.75
CA GLN A 19 -18.98 15.35 6.66
C GLN A 19 -19.46 13.98 6.12
N MET A 20 -20.60 13.95 5.44
CA MET A 20 -21.12 12.70 4.87
C MET A 20 -20.25 12.35 3.66
N LEU A 21 -20.00 13.33 2.79
CA LEU A 21 -19.16 13.15 1.60
C LEU A 21 -17.75 12.65 1.94
N MET A 22 -17.14 13.21 3.00
CA MET A 22 -15.81 12.83 3.51
C MET A 22 -15.80 11.34 3.97
N SER A 23 -16.80 10.94 4.77
CA SER A 23 -16.97 9.57 5.30
C SER A 23 -17.23 8.56 4.17
N LYS A 24 -17.87 8.99 3.08
CA LYS A 24 -18.20 8.18 1.91
C LYS A 24 -16.98 7.94 1.01
N HIS A 25 -16.18 8.98 0.74
CA HIS A 25 -15.00 8.90 -0.13
C HIS A 25 -13.74 8.91 0.74
N GLN A 26 -13.57 7.82 1.48
CA GLN A 26 -12.53 7.54 2.47
C GLN A 26 -11.08 7.83 2.03
N GLU A 27 -10.72 7.52 0.78
CA GLU A 27 -9.36 7.78 0.30
C GLU A 27 -9.26 9.06 -0.53
N HIS A 28 -10.23 9.23 -1.45
CA HIS A 28 -10.30 10.36 -2.39
C HIS A 28 -10.80 11.65 -1.82
N VAL A 29 -10.80 12.68 -2.67
CA VAL A 29 -11.22 14.02 -2.30
C VAL A 29 -11.90 14.74 -3.48
N ARG A 30 -11.56 14.35 -4.72
CA ARG A 30 -12.17 14.97 -5.92
C ARG A 30 -13.69 14.78 -5.95
N PRO A 31 -14.23 13.55 -5.71
CA PRO A 31 -15.68 13.39 -5.72
C PRO A 31 -16.41 14.29 -4.74
N GLN A 32 -15.82 14.51 -3.56
CA GLN A 32 -16.40 15.38 -2.53
C GLN A 32 -16.61 16.81 -3.07
N PHE A 33 -15.62 17.31 -3.82
CA PHE A 33 -15.68 18.66 -4.40
C PHE A 33 -16.50 18.77 -5.66
N GLU A 34 -16.52 17.71 -6.45
CA GLU A 34 -17.35 17.66 -7.67
C GLU A 34 -18.80 17.76 -7.23
N SER A 35 -19.13 17.15 -6.07
CA SER A 35 -20.48 17.16 -5.51
C SER A 35 -20.81 18.55 -5.01
N LEU A 36 -19.89 19.18 -4.31
CA LEU A 36 -20.06 20.55 -3.80
C LEU A 36 -20.16 21.56 -4.97
N GLU A 37 -19.51 21.30 -6.11
CA GLU A 37 -19.55 22.18 -7.28
C GLU A 37 -20.92 22.21 -7.95
N LYS A 38 -21.76 21.21 -7.67
CA LYS A 38 -23.14 21.16 -8.17
C LYS A 38 -23.91 22.31 -7.51
N ILE A 39 -23.60 22.61 -6.23
CA ILE A 39 -24.23 23.69 -5.47
C ILE A 39 -23.71 25.03 -6.02
N ASN A 40 -22.39 25.17 -6.16
CA ASN A 40 -21.74 26.36 -6.68
C ASN A 40 -20.39 25.97 -7.21
N LYS A 41 -20.16 26.20 -8.51
CA LYS A 41 -18.92 25.90 -9.20
C LYS A 41 -17.72 26.69 -8.60
N ASP A 42 -18.02 27.75 -7.83
CA ASP A 42 -17.06 28.60 -7.17
C ASP A 42 -16.57 28.05 -5.85
N ILE A 43 -17.16 26.95 -5.36
CA ILE A 43 -16.69 26.27 -4.13
C ILE A 43 -15.45 25.54 -4.53
N VAL A 44 -14.30 26.03 -4.06
CA VAL A 44 -12.99 25.52 -4.41
C VAL A 44 -12.32 24.71 -3.29
N GLY A 45 -12.83 24.85 -2.08
CA GLY A 45 -12.23 24.16 -0.95
C GLY A 45 -13.09 24.16 0.29
N TRP A 46 -12.53 23.62 1.38
CA TRP A 46 -13.21 23.56 2.67
C TRP A 46 -12.18 23.80 3.75
N ILE A 47 -12.52 24.63 4.75
CA ILE A 47 -11.62 24.91 5.88
C ILE A 47 -12.29 24.49 7.19
N LYS A 48 -11.55 23.77 8.05
CA LYS A 48 -12.12 23.29 9.30
C LYS A 48 -11.13 23.20 10.47
N LEU A 49 -11.52 23.80 11.59
CA LEU A 49 -10.76 23.69 12.82
C LEU A 49 -11.71 23.09 13.84
N SER A 50 -11.40 21.85 14.26
CA SER A 50 -12.22 21.11 15.19
C SER A 50 -12.33 21.82 16.53
N GLY A 51 -13.55 21.79 17.08
CA GLY A 51 -13.84 22.38 18.37
C GLY A 51 -14.14 23.85 18.32
N THR A 52 -14.12 24.43 17.11
CA THR A 52 -14.38 25.85 16.87
C THR A 52 -15.45 25.98 15.80
N SER A 53 -15.89 27.22 15.53
CA SER A 53 -16.92 27.51 14.55
C SER A 53 -16.40 27.49 13.11
N LEU A 54 -15.07 27.44 12.93
CA LEU A 54 -14.45 27.41 11.61
C LEU A 54 -14.69 26.04 10.96
N ASN A 55 -15.69 25.96 10.09
CA ASN A 55 -16.10 24.75 9.38
C ASN A 55 -16.92 25.24 8.19
N TYR A 56 -16.22 25.79 7.18
CA TYR A 56 -16.87 26.40 6.03
C TYR A 56 -16.34 26.06 4.67
N PRO A 57 -17.18 26.20 3.63
CA PRO A 57 -16.68 26.03 2.26
C PRO A 57 -15.81 27.24 1.90
N VAL A 58 -14.93 27.10 0.93
CA VAL A 58 -14.08 28.20 0.51
C VAL A 58 -14.44 28.53 -0.91
N LEU A 59 -14.90 29.77 -1.12
CA LEU A 59 -15.33 30.28 -2.41
C LEU A 59 -14.22 31.07 -3.11
N GLN A 60 -14.27 31.16 -4.44
CA GLN A 60 -13.33 31.95 -5.23
C GLN A 60 -14.06 32.54 -6.42
N GLY A 61 -13.94 33.85 -6.55
CA GLY A 61 -14.56 34.56 -7.65
C GLY A 61 -13.48 35.13 -8.54
N LYS A 62 -13.88 36.04 -9.44
CA LYS A 62 -12.95 36.70 -10.35
C LYS A 62 -12.27 37.90 -9.67
N THR A 63 -12.83 38.39 -8.53
CA THR A 63 -12.34 39.54 -7.78
C THR A 63 -12.34 39.18 -6.30
N ASN A 64 -11.79 40.03 -5.44
CA ASN A 64 -11.76 39.79 -4.00
C ASN A 64 -12.98 40.39 -3.31
N HIS A 65 -14.05 40.59 -4.06
CA HIS A 65 -15.27 41.12 -3.49
C HIS A 65 -16.51 40.38 -3.96
N ASP A 66 -16.32 39.48 -4.92
CA ASP A 66 -17.41 38.65 -5.47
C ASP A 66 -18.23 38.03 -4.32
N TYR A 67 -17.55 37.40 -3.34
CA TYR A 67 -18.14 36.72 -2.20
C TYR A 67 -17.92 37.43 -0.86
N LEU A 68 -17.67 38.72 -0.90
CA LEU A 68 -17.49 39.52 0.31
C LEU A 68 -18.84 39.57 1.03
N ASN A 69 -19.91 39.77 0.27
CA ASN A 69 -21.28 39.87 0.77
C ASN A 69 -22.25 38.81 0.19
N LEU A 70 -21.73 37.66 -0.26
CA LEU A 70 -22.52 36.57 -0.85
C LEU A 70 -22.10 35.24 -0.22
N ASP A 71 -23.06 34.36 0.04
CA ASP A 71 -22.75 33.07 0.63
C ASP A 71 -22.52 32.01 -0.45
N PHE A 72 -22.29 30.76 -0.03
CA PHE A 72 -22.07 29.63 -0.93
C PHE A 72 -23.17 29.42 -1.97
N GLU A 73 -24.43 29.84 -1.67
CA GLU A 73 -25.50 29.66 -2.65
C GLU A 73 -25.79 30.94 -3.44
N ARG A 74 -24.82 31.88 -3.40
CA ARG A 74 -24.89 33.16 -4.10
C ARG A 74 -26.04 34.04 -3.60
N GLU A 75 -26.38 33.89 -2.30
CA GLU A 75 -27.40 34.69 -1.63
C GLU A 75 -26.71 35.81 -0.86
N HIS A 76 -27.30 37.01 -0.88
CA HIS A 76 -26.76 38.18 -0.20
C HIS A 76 -26.76 37.99 1.32
N ARG A 77 -25.59 38.04 1.93
CA ARG A 77 -25.41 37.92 3.37
C ARG A 77 -24.29 38.89 3.77
N ARG A 78 -24.52 39.72 4.81
CA ARG A 78 -23.52 40.69 5.28
C ARG A 78 -22.12 40.03 5.58
N LYS A 79 -22.16 38.84 6.20
CA LYS A 79 -20.98 38.05 6.58
C LYS A 79 -20.36 37.30 5.39
N GLY A 80 -21.04 37.28 4.24
CA GLY A 80 -20.57 36.65 3.00
C GLY A 80 -20.01 35.26 3.19
N SER A 81 -18.87 34.99 2.54
CA SER A 81 -18.20 33.69 2.61
C SER A 81 -16.74 33.81 3.01
N ILE A 82 -16.14 32.63 3.21
CA ILE A 82 -14.70 32.51 3.41
C ILE A 82 -14.27 32.39 1.97
N PHE A 83 -13.41 33.27 1.51
CA PHE A 83 -13.05 33.23 0.10
C PHE A 83 -11.58 33.29 -0.16
N MET A 84 -11.15 32.67 -1.27
CA MET A 84 -9.76 32.71 -1.67
C MET A 84 -9.49 33.89 -2.60
N ASP A 85 -8.29 34.47 -2.49
CA ASP A 85 -7.85 35.57 -3.37
C ASP A 85 -8.00 35.10 -4.82
N PHE A 86 -8.51 35.98 -5.70
CA PHE A 86 -8.74 35.67 -7.12
C PHE A 86 -7.47 35.27 -7.87
N ARG A 87 -6.31 35.74 -7.41
CA ARG A 87 -5.01 35.46 -8.04
C ARG A 87 -4.56 34.01 -7.84
N ASN A 88 -4.97 33.38 -6.73
CA ASN A 88 -4.53 32.04 -6.38
C ASN A 88 -5.02 30.89 -7.24
N GLU A 89 -4.16 29.88 -7.38
CA GLU A 89 -4.45 28.64 -8.10
C GLU A 89 -4.52 27.52 -7.06
N LEU A 90 -5.20 26.41 -7.39
CA LEU A 90 -5.28 25.25 -6.50
C LEU A 90 -4.59 23.99 -7.02
N LYS A 91 -4.62 23.78 -8.35
CA LYS A 91 -3.99 22.66 -9.07
C LYS A 91 -2.50 22.66 -8.71
N ASN A 92 -1.79 23.78 -8.98
CA ASN A 92 -0.38 23.97 -8.64
C ASN A 92 -0.32 25.27 -7.81
N LEU A 93 -0.26 25.12 -6.48
CA LEU A 93 -0.30 26.21 -5.51
C LEU A 93 0.77 27.21 -5.70
N ASN A 94 0.43 28.49 -5.47
CA ASN A 94 1.37 29.60 -5.52
C ASN A 94 2.13 29.55 -4.21
N HIS A 95 3.18 30.36 -4.08
CA HIS A 95 3.98 30.38 -2.86
C HIS A 95 3.13 30.73 -1.62
N ASN A 96 2.20 31.68 -1.80
CA ASN A 96 1.31 32.11 -0.73
C ASN A 96 -0.16 32.12 -1.17
N THR A 97 -0.98 31.28 -0.55
CA THR A 97 -2.40 31.21 -0.84
C THR A 97 -3.14 32.00 0.24
N ILE A 98 -4.00 32.94 -0.17
CA ILE A 98 -4.70 33.81 0.75
C ILE A 98 -6.17 33.56 0.84
N LEU A 99 -6.69 33.43 2.07
CA LEU A 99 -8.13 33.28 2.33
C LEU A 99 -8.59 34.45 3.17
N TYR A 100 -9.78 34.98 2.87
CA TYR A 100 -10.37 36.10 3.59
C TYR A 100 -11.71 35.71 4.22
N GLY A 101 -12.06 36.40 5.29
CA GLY A 101 -13.32 36.18 5.96
C GLY A 101 -13.65 37.26 6.97
N HIS A 102 -14.94 37.45 7.22
CA HIS A 102 -15.44 38.43 8.17
C HIS A 102 -15.13 38.10 9.63
N HIS A 103 -15.07 39.13 10.45
CA HIS A 103 -14.89 39.01 11.90
C HIS A 103 -15.84 40.00 12.63
N VAL A 104 -17.12 39.60 12.73
CA VAL A 104 -18.13 40.44 13.36
C VAL A 104 -18.36 40.21 14.87
N GLY A 105 -17.63 39.26 15.44
CA GLY A 105 -17.66 38.92 16.86
C GLY A 105 -18.85 38.11 17.34
N ASP A 106 -19.44 37.30 16.46
CA ASP A 106 -20.59 36.45 16.81
C ASP A 106 -20.17 34.98 16.74
N ASN A 107 -18.87 34.73 16.83
CA ASN A 107 -18.25 33.42 16.76
C ASN A 107 -18.56 32.66 15.45
N THR A 108 -18.41 33.34 14.30
CA THR A 108 -18.63 32.75 12.98
C THR A 108 -17.54 33.22 12.02
N MET A 109 -17.42 32.55 10.87
CA MET A 109 -16.45 32.86 9.83
C MET A 109 -15.02 32.90 10.38
N PHE A 110 -14.34 34.07 10.29
CA PHE A 110 -12.96 34.21 10.79
C PHE A 110 -12.81 34.85 12.16
N ASP A 111 -13.88 34.77 12.99
CA ASP A 111 -13.82 35.29 14.36
C ASP A 111 -12.75 34.55 15.11
N VAL A 112 -12.52 33.29 14.73
CA VAL A 112 -11.53 32.41 15.32
C VAL A 112 -10.11 32.92 15.21
N LEU A 113 -9.78 33.64 14.15
CA LEU A 113 -8.42 34.17 13.97
C LEU A 113 -7.94 35.01 15.13
N GLU A 114 -8.85 35.75 15.76
CA GLU A 114 -8.56 36.59 16.91
C GLU A 114 -8.05 35.74 18.08
N ASP A 115 -8.56 34.51 18.22
CA ASP A 115 -8.14 33.59 19.27
C ASP A 115 -6.68 33.14 19.14
N TYR A 116 -6.14 33.11 17.92
CA TYR A 116 -4.77 32.73 17.64
C TYR A 116 -3.72 33.72 18.12
N LEU A 117 -4.16 34.89 18.59
CA LEU A 117 -3.27 35.91 19.14
C LEU A 117 -2.86 35.54 20.56
N LYS A 118 -3.44 34.46 21.09
CA LYS A 118 -3.18 33.91 22.42
C LYS A 118 -2.39 32.64 22.28
N GLN A 119 -1.26 32.55 23.02
CA GLN A 119 -0.40 31.37 22.99
C GLN A 119 -1.16 30.10 23.41
N SER A 120 -1.95 30.18 24.49
CA SER A 120 -2.73 29.05 25.01
C SER A 120 -3.67 28.43 23.96
N PHE A 121 -4.39 29.27 23.21
CA PHE A 121 -5.30 28.80 22.16
C PHE A 121 -4.49 28.14 21.04
N TYR A 122 -3.44 28.84 20.56
CA TYR A 122 -2.58 28.32 19.51
C TYR A 122 -2.13 26.88 19.80
N GLU A 123 -1.57 26.65 21.00
CA GLU A 123 -1.03 25.36 21.44
C GLU A 123 -2.07 24.25 21.32
N LYS A 124 -3.34 24.56 21.53
CA LYS A 124 -4.42 23.59 21.45
C LYS A 124 -5.02 23.48 20.03
N HIS A 125 -4.63 24.38 19.11
CA HIS A 125 -5.17 24.41 17.75
C HIS A 125 -4.08 24.70 16.70
N LYS A 126 -2.96 23.99 16.77
CA LYS A 126 -1.82 24.21 15.88
C LYS A 126 -2.10 23.80 14.42
N ILE A 127 -3.06 22.89 14.20
CA ILE A 127 -3.39 22.37 12.87
C ILE A 127 -4.82 22.63 12.45
N ILE A 128 -5.00 23.23 11.25
CA ILE A 128 -6.28 23.50 10.61
C ILE A 128 -6.40 22.61 9.37
N GLU A 129 -7.59 22.05 9.14
CA GLU A 129 -7.84 21.20 7.98
C GLU A 129 -8.20 22.04 6.77
N PHE A 130 -7.59 21.72 5.64
CA PHE A 130 -7.91 22.40 4.39
C PHE A 130 -8.01 21.35 3.30
N ASP A 131 -9.14 21.28 2.60
CA ASP A 131 -9.30 20.31 1.53
C ASP A 131 -9.72 21.01 0.27
N ASN A 132 -9.34 20.44 -0.88
CA ASN A 132 -9.75 20.92 -2.20
C ASN A 132 -9.81 19.70 -3.12
N LYS A 133 -10.18 19.91 -4.37
CA LYS A 133 -10.33 18.88 -5.41
C LYS A 133 -9.04 18.08 -5.62
N TYR A 134 -7.87 18.71 -5.36
CA TYR A 134 -6.52 18.21 -5.59
C TYR A 134 -5.84 17.49 -4.43
N GLY A 135 -6.37 17.61 -3.23
CA GLY A 135 -5.83 16.92 -2.07
C GLY A 135 -6.35 17.37 -0.73
N LYS A 136 -6.00 16.59 0.31
CA LYS A 136 -6.30 16.87 1.70
C LYS A 136 -5.05 17.52 2.27
N TYR A 137 -5.19 18.65 2.96
CA TYR A 137 -4.04 19.38 3.49
C TYR A 137 -4.20 19.73 4.94
N GLN A 138 -3.06 20.04 5.58
CA GLN A 138 -2.98 20.58 6.93
C GLN A 138 -2.41 21.95 6.82
N LEU A 139 -2.90 22.86 7.66
CA LEU A 139 -2.39 24.22 7.75
C LEU A 139 -1.69 24.28 9.09
N GLN A 140 -0.36 24.25 9.07
CA GLN A 140 0.42 24.24 10.29
C GLN A 140 0.77 25.64 10.67
N VAL A 141 -0.07 26.22 11.55
CA VAL A 141 0.01 27.61 12.01
C VAL A 141 1.38 27.88 12.61
N PHE A 142 2.03 28.96 12.17
CA PHE A 142 3.32 29.34 12.73
C PHE A 142 3.40 30.82 13.13
N SER A 143 2.46 31.63 12.62
CA SER A 143 2.43 33.07 12.89
C SER A 143 1.00 33.62 13.02
N ALA A 144 0.81 34.56 13.94
CA ALA A 144 -0.48 35.25 14.17
C ALA A 144 -0.17 36.64 14.67
N TYR A 145 -0.73 37.64 13.99
CA TYR A 145 -0.49 39.03 14.34
C TYR A 145 -1.61 39.95 13.90
N LYS A 146 -1.65 41.17 14.46
CA LYS A 146 -2.58 42.21 14.04
C LYS A 146 -1.74 43.23 13.26
N THR A 147 -2.29 43.71 12.13
CA THR A 147 -1.59 44.66 11.28
C THR A 147 -2.59 45.65 10.75
N THR A 148 -2.17 46.46 9.79
CA THR A 148 -2.98 47.44 9.08
C THR A 148 -3.08 47.03 7.61
N THR A 149 -3.72 47.86 6.80
CA THR A 149 -3.84 47.65 5.36
C THR A 149 -2.65 48.33 4.66
N LYS A 150 -1.79 49.03 5.43
CA LYS A 150 -0.60 49.71 4.94
C LYS A 150 0.56 48.69 4.77
N ASP A 151 0.41 47.50 5.36
CA ASP A 151 1.35 46.39 5.31
C ASP A 151 0.85 45.31 4.31
N ASN A 152 1.74 44.87 3.39
CA ASN A 152 1.49 43.85 2.36
C ASN A 152 1.86 42.40 2.80
N TYR A 153 0.91 41.72 3.38
CA TYR A 153 1.00 40.33 3.81
C TYR A 153 0.30 39.42 2.78
N ILE A 154 -0.28 40.07 1.74
CA ILE A 154 -1.07 39.65 0.59
C ILE A 154 -0.26 39.14 -0.61
N ARG A 155 1.08 39.26 -0.57
CA ARG A 155 2.00 38.84 -1.64
C ARG A 155 1.79 37.39 -2.01
N THR A 156 1.52 37.13 -3.28
CA THR A 156 1.14 35.79 -3.76
C THR A 156 2.32 35.01 -4.29
N ASP A 157 3.20 35.73 -5.03
CA ASP A 157 4.42 35.19 -5.59
C ASP A 157 5.63 36.06 -5.42
N PHE A 158 6.84 35.48 -5.54
CA PHE A 158 8.13 36.14 -5.28
C PHE A 158 9.08 36.08 -6.45
N GLU A 159 10.07 37.02 -6.51
CA GLU A 159 11.03 37.06 -7.60
C GLU A 159 12.07 35.95 -7.51
N ASN A 160 12.43 35.57 -6.28
CA ASN A 160 13.45 34.56 -6.01
C ASN A 160 13.34 34.09 -4.59
N ASP A 161 14.19 33.14 -4.21
CA ASP A 161 14.17 32.61 -2.86
C ASP A 161 14.52 33.62 -1.79
N GLN A 162 15.41 34.58 -2.10
CA GLN A 162 15.80 35.62 -1.15
C GLN A 162 14.60 36.47 -0.74
N ASP A 163 13.77 36.86 -1.72
CA ASP A 163 12.55 37.64 -1.51
C ASP A 163 11.57 36.85 -0.66
N TYR A 164 11.40 35.55 -0.98
CA TYR A 164 10.51 34.69 -0.25
C TYR A 164 11.02 34.49 1.17
N GLN A 165 12.34 34.31 1.33
CA GLN A 165 12.93 34.13 2.65
C GLN A 165 12.71 35.37 3.50
N GLN A 166 12.86 36.56 2.90
CA GLN A 166 12.63 37.83 3.56
C GLN A 166 11.20 37.85 4.14
N PHE A 167 10.23 37.47 3.29
CA PHE A 167 8.81 37.42 3.60
C PHE A 167 8.51 36.49 4.76
N LEU A 168 9.08 35.27 4.72
CA LEU A 168 8.91 34.28 5.78
C LEU A 168 9.50 34.78 7.08
N ASP A 169 10.70 35.33 7.03
CA ASP A 169 11.33 35.86 8.23
C ASP A 169 10.59 37.06 8.82
N GLU A 170 10.02 37.92 7.96
CA GLU A 170 9.21 39.05 8.39
C GLU A 170 7.94 38.52 9.09
N THR A 171 7.33 37.49 8.49
CA THR A 171 6.13 36.83 9.01
C THR A 171 6.35 36.29 10.43
N LYS A 172 7.48 35.62 10.67
CA LYS A 172 7.84 35.09 11.98
C LYS A 172 8.12 36.24 12.96
N ARG A 173 8.78 37.30 12.46
CA ARG A 173 9.16 38.47 13.25
C ARG A 173 7.92 39.19 13.78
N LYS A 174 6.87 39.28 12.94
CA LYS A 174 5.62 39.96 13.28
C LYS A 174 4.77 39.15 14.27
N SER A 175 4.94 37.83 14.30
CA SER A 175 4.16 36.91 15.14
C SER A 175 4.11 37.26 16.63
N VAL A 176 2.89 37.17 17.19
CA VAL A 176 2.55 37.42 18.60
C VAL A 176 2.63 36.09 19.35
N ILE A 177 2.80 34.98 18.60
CA ILE A 177 2.89 33.62 19.12
C ILE A 177 4.22 32.94 18.76
N ASN A 178 4.69 32.05 19.66
CA ASN A 178 5.89 31.26 19.45
C ASN A 178 5.49 29.87 18.93
N SER A 179 6.12 29.46 17.84
CA SER A 179 5.81 28.20 17.17
C SER A 179 7.07 27.39 16.90
N ASP A 180 6.93 26.06 16.93
CA ASP A 180 8.02 25.11 16.65
C ASP A 180 8.00 24.63 15.19
N VAL A 181 7.13 25.23 14.33
CA VAL A 181 7.07 24.86 12.92
C VAL A 181 8.17 25.49 12.09
N ASN A 182 8.87 24.66 11.34
CA ASN A 182 9.99 25.07 10.49
C ASN A 182 9.51 25.28 9.09
N VAL A 183 9.68 26.51 8.63
CA VAL A 183 9.22 26.90 7.31
C VAL A 183 10.42 27.39 6.52
N THR A 184 10.67 26.76 5.36
CA THR A 184 11.76 27.09 4.45
C THR A 184 11.22 27.63 3.14
N VAL A 185 12.10 28.11 2.27
CA VAL A 185 11.74 28.60 0.93
C VAL A 185 11.20 27.49 0.01
N LYS A 186 11.39 26.21 0.40
CA LYS A 186 10.92 25.08 -0.37
C LYS A 186 9.46 24.76 -0.04
N ASP A 187 8.94 25.41 1.00
CA ASP A 187 7.58 25.26 1.47
C ASP A 187 6.60 26.28 0.87
N ARG A 188 5.29 25.93 0.92
CA ARG A 188 4.20 26.78 0.47
C ARG A 188 3.38 27.17 1.69
N ILE A 189 2.85 28.40 1.71
CA ILE A 189 2.13 28.91 2.87
C ILE A 189 0.74 29.34 2.56
N MET A 190 -0.04 29.45 3.61
CA MET A 190 -1.40 29.92 3.50
C MET A 190 -1.61 31.04 4.50
N THR A 191 -2.17 32.13 4.00
CA THR A 191 -2.46 33.28 4.84
C THR A 191 -3.95 33.37 5.02
N LEU A 192 -4.37 33.47 6.28
CA LEU A 192 -5.76 33.64 6.66
C LEU A 192 -5.88 35.06 7.18
N SER A 193 -6.70 35.86 6.54
CA SER A 193 -6.84 37.25 6.94
C SER A 193 -8.30 37.64 7.16
N THR A 194 -8.55 38.49 8.18
CA THR A 194 -9.87 39.05 8.41
C THR A 194 -10.07 40.03 7.28
N CYS A 195 -11.33 40.21 6.95
CA CYS A 195 -11.80 41.01 5.84
C CYS A 195 -12.95 41.87 6.33
N GLU A 196 -12.88 43.16 6.05
CA GLU A 196 -13.89 44.13 6.46
C GLU A 196 -14.74 44.51 5.27
N ASP A 197 -15.92 45.11 5.51
CA ASP A 197 -16.77 45.55 4.42
C ASP A 197 -16.12 46.65 3.59
N ALA A 198 -16.55 46.81 2.35
CA ALA A 198 -16.02 47.80 1.44
C ALA A 198 -16.14 49.18 2.04
N TYR A 199 -15.04 49.97 1.91
CA TYR A 199 -14.91 51.35 2.36
C TYR A 199 -15.14 51.51 3.86
N SER A 200 -14.73 50.52 4.67
CA SER A 200 -14.87 50.54 6.12
C SER A 200 -13.81 51.43 6.76
N GLU A 201 -14.13 52.04 7.90
CA GLU A 201 -13.25 52.91 8.69
C GLU A 201 -12.08 52.10 9.35
N THR A 202 -12.39 50.86 9.73
CA THR A 202 -11.43 49.95 10.34
C THR A 202 -10.34 49.61 9.33
N THR A 203 -9.09 49.80 9.74
CA THR A 203 -7.93 49.50 8.92
C THR A 203 -7.18 48.29 9.46
N LYS A 204 -7.43 47.92 10.75
CA LYS A 204 -6.80 46.77 11.41
C LYS A 204 -7.27 45.42 10.91
N ARG A 205 -6.33 44.48 10.78
CA ARG A 205 -6.59 43.15 10.26
C ARG A 205 -5.86 42.15 11.14
N ILE A 206 -6.46 40.97 11.33
CA ILE A 206 -5.83 39.87 12.08
C ILE A 206 -5.35 38.87 11.03
N VAL A 207 -4.08 38.50 11.10
CA VAL A 207 -3.47 37.60 10.13
C VAL A 207 -2.93 36.37 10.81
N VAL A 208 -3.24 35.20 10.24
CA VAL A 208 -2.73 33.93 10.71
C VAL A 208 -2.06 33.28 9.50
N VAL A 209 -0.77 32.93 9.65
CA VAL A 209 -0.02 32.32 8.55
C VAL A 209 0.33 30.91 8.92
N ALA A 210 0.19 29.99 7.95
CA ALA A 210 0.47 28.58 8.17
C ALA A 210 1.22 27.91 7.02
N LYS A 211 1.98 26.87 7.36
CA LYS A 211 2.69 26.06 6.39
C LYS A 211 1.73 24.97 5.85
N ILE A 212 1.61 24.83 4.52
CA ILE A 212 0.75 23.84 3.87
C ILE A 212 1.44 22.48 3.77
N ILE A 213 0.82 21.45 4.36
CA ILE A 213 1.33 20.07 4.29
C ILE A 213 0.28 19.21 3.62
N LYS A 214 0.67 18.42 2.59
CA LYS A 214 -0.28 17.52 1.94
C LYS A 214 -0.33 16.23 2.71
N VAL A 215 -1.53 15.86 3.18
CA VAL A 215 -1.72 14.63 3.94
C VAL A 215 -2.24 13.43 3.14
N SER A 216 -2.85 13.68 1.96
CA SER A 216 -3.35 12.67 1.01
C SER A 216 -2.26 12.26 -0.03
N ASN B 2 -3.97 48.86 -3.15
CA ASN B 2 -4.17 47.59 -2.43
C ASN B 2 -5.49 46.89 -2.81
N PRO B 3 -5.48 45.56 -3.09
CA PRO B 3 -6.75 44.88 -3.40
C PRO B 3 -7.69 44.81 -2.19
N GLN B 4 -8.92 44.30 -2.41
CA GLN B 4 -9.88 44.14 -1.31
C GLN B 4 -9.34 42.95 -0.46
N SER C 1 24.76 9.60 37.65
CA SER C 1 25.55 10.75 37.23
C SER C 1 26.49 10.41 36.07
N MET C 2 27.37 9.38 36.20
CA MET C 2 28.23 8.98 35.09
C MET C 2 27.36 8.50 33.92
N GLU C 3 26.22 7.81 34.22
CA GLU C 3 25.26 7.42 33.20
C GLU C 3 24.54 8.71 32.81
N ASP C 4 23.58 9.13 33.67
CA ASP C 4 22.63 10.26 33.57
C ASP C 4 23.10 11.56 32.91
N LYS C 5 24.43 11.83 32.90
CA LYS C 5 24.98 13.02 32.25
C LYS C 5 25.58 12.64 30.90
N GLN C 6 26.34 11.54 30.86
CA GLN C 6 26.99 11.01 29.65
C GLN C 6 25.95 10.50 28.66
N GLU C 7 25.03 9.62 29.13
CA GLU C 7 23.92 9.06 28.35
C GLU C 7 23.10 10.23 27.79
N ARG C 8 22.79 11.22 28.65
CA ARG C 8 21.99 12.35 28.25
C ARG C 8 22.69 13.18 27.15
N ALA C 9 24.00 13.45 27.30
CA ALA C 9 24.81 14.15 26.30
C ALA C 9 24.93 13.38 24.99
N ASN C 10 24.98 12.04 25.04
CA ASN C 10 25.02 11.21 23.83
C ASN C 10 23.70 11.29 23.07
N TYR C 11 22.57 11.37 23.79
CA TYR C 11 21.27 11.52 23.16
C TYR C 11 21.15 12.89 22.55
N GLU C 12 21.65 13.94 23.26
CA GLU C 12 21.66 15.33 22.77
C GLU C 12 22.43 15.40 21.46
N LYS C 13 23.60 14.78 21.41
CA LYS C 13 24.45 14.71 20.24
C LYS C 13 23.72 14.03 19.05
N LEU C 14 23.04 12.88 19.30
CA LEU C 14 22.33 12.16 18.24
C LEU C 14 21.15 12.94 17.77
N GLN C 15 20.40 13.57 18.72
CA GLN C 15 19.26 14.45 18.41
C GLN C 15 19.68 15.57 17.48
N GLN C 16 20.84 16.17 17.76
CA GLN C 16 21.41 17.24 16.97
C GLN C 16 21.79 16.75 15.56
N LYS C 17 22.47 15.60 15.45
CA LYS C 17 22.83 14.96 14.17
C LYS C 17 21.60 14.76 13.30
N PHE C 18 20.49 14.23 13.89
CA PHE C 18 19.24 13.99 13.19
C PHE C 18 18.53 15.28 12.71
N GLN C 19 18.52 16.35 13.55
CA GLN C 19 18.02 17.68 13.18
C GLN C 19 18.88 18.28 12.03
N MET C 20 20.18 17.94 11.97
CA MET C 20 21.05 18.41 10.91
C MET C 20 20.70 17.66 9.62
N LEU C 21 20.61 16.34 9.71
CA LEU C 21 20.24 15.46 8.60
C LEU C 21 18.89 15.82 7.97
N MET C 22 17.88 16.15 8.81
CA MET C 22 16.54 16.59 8.41
C MET C 22 16.60 17.90 7.58
N SER C 23 17.32 18.92 8.10
CA SER C 23 17.55 20.23 7.47
C SER C 23 18.32 20.13 6.14
N LYS C 24 19.23 19.14 6.03
CA LYS C 24 20.05 18.89 4.86
C LYS C 24 19.25 18.19 3.72
N HIS C 25 18.43 17.20 4.07
CA HIS C 25 17.64 16.43 3.10
C HIS C 25 16.18 16.85 3.20
N GLN C 26 15.94 18.08 2.75
CA GLN C 26 14.68 18.83 2.76
C GLN C 26 13.44 18.09 2.21
N GLU C 27 13.58 17.35 1.10
CA GLU C 27 12.44 16.59 0.56
C GLU C 27 12.49 15.10 0.98
N HIS C 28 13.68 14.47 0.84
CA HIS C 28 13.96 13.06 1.10
C HIS C 28 14.01 12.67 2.57
N VAL C 29 14.12 11.34 2.82
CA VAL C 29 14.14 10.71 4.14
C VAL C 29 15.12 9.52 4.20
N ARG C 30 15.34 8.83 3.04
CA ARG C 30 16.24 7.67 2.93
C ARG C 30 17.68 8.04 3.28
N PRO C 31 18.28 9.11 2.71
CA PRO C 31 19.67 9.44 3.08
C PRO C 31 19.88 9.63 4.57
N GLN C 32 18.85 10.16 5.26
CA GLN C 32 18.88 10.44 6.69
C GLN C 32 18.95 9.20 7.53
N PHE C 33 18.26 8.13 7.12
CA PHE C 33 18.25 6.85 7.81
C PHE C 33 19.46 6.00 7.41
N GLU C 34 19.94 6.10 6.14
CA GLU C 34 21.16 5.41 5.67
C GLU C 34 22.37 5.89 6.48
N SER C 35 22.37 7.21 6.82
CA SER C 35 23.40 7.86 7.65
C SER C 35 23.31 7.34 9.07
N LEU C 36 22.10 7.27 9.64
CA LEU C 36 21.83 6.77 10.97
C LEU C 36 22.19 5.25 11.09
N GLU C 37 22.07 4.49 9.97
CA GLU C 37 22.38 3.06 9.94
C GLU C 37 23.88 2.78 10.04
N LYS C 38 24.72 3.79 9.77
CA LYS C 38 26.17 3.69 9.92
C LYS C 38 26.48 3.53 11.42
N ILE C 39 25.69 4.22 12.30
CA ILE C 39 25.81 4.15 13.76
C ILE C 39 25.35 2.75 14.22
N ASN C 40 24.16 2.34 13.78
CA ASN C 40 23.57 1.04 14.09
C ASN C 40 22.55 0.69 13.02
N LYS C 41 22.78 -0.43 12.34
CA LYS C 41 21.94 -0.95 11.26
C LYS C 41 20.51 -1.26 11.79
N ASP C 42 20.35 -1.33 13.12
CA ASP C 42 19.10 -1.59 13.83
C ASP C 42 18.27 -0.37 14.08
N ILE C 43 18.80 0.82 13.76
CA ILE C 43 18.05 2.09 13.85
C ILE C 43 17.14 2.07 12.64
N VAL C 44 15.86 1.89 12.92
CA VAL C 44 14.77 1.67 12.01
C VAL C 44 13.96 2.99 11.73
N GLY C 45 13.91 3.87 12.73
CA GLY C 45 13.13 5.11 12.67
C GLY C 45 13.49 6.14 13.72
N TRP C 46 12.70 7.21 13.78
CA TRP C 46 12.85 8.30 14.74
C TRP C 46 11.50 8.76 15.20
N ILE C 47 11.34 8.99 16.52
CA ILE C 47 10.07 9.44 17.12
C ILE C 47 10.27 10.79 17.82
N LYS C 48 9.38 11.77 17.57
CA LYS C 48 9.56 13.11 18.14
C LYS C 48 8.27 13.83 18.46
N LEU C 49 8.16 14.28 19.71
CA LEU C 49 7.04 15.10 20.14
C LEU C 49 7.68 16.40 20.63
N SER C 50 7.45 17.48 19.87
CA SER C 50 8.02 18.79 20.18
C SER C 50 7.53 19.31 21.53
N GLY C 51 8.45 19.92 22.24
CA GLY C 51 8.18 20.53 23.53
C GLY C 51 8.28 19.57 24.69
N THR C 52 8.53 18.27 24.38
CA THR C 52 8.66 17.18 25.34
C THR C 52 10.01 16.51 25.15
N SER C 53 10.33 15.55 26.03
CA SER C 53 11.57 14.79 26.03
C SER C 53 11.60 13.69 24.95
N LEU C 54 10.45 13.39 24.34
CA LEU C 54 10.34 12.35 23.32
C LEU C 54 10.97 12.86 22.03
N ASN C 55 12.21 12.44 21.77
CA ASN C 55 13.01 12.81 20.61
C ASN C 55 14.11 11.74 20.52
N TYR C 56 13.72 10.54 20.07
CA TYR C 56 14.63 9.41 20.07
C TYR C 56 14.69 8.58 18.81
N PRO C 57 15.81 7.87 18.56
CA PRO C 57 15.82 6.90 17.46
C PRO C 57 14.95 5.70 17.84
N VAL C 58 14.52 4.93 16.85
CA VAL C 58 13.70 3.76 17.12
C VAL C 58 14.47 2.54 16.65
N LEU C 59 14.69 1.58 17.55
CA LEU C 59 15.46 0.38 17.29
C LEU C 59 14.65 -0.87 17.11
N GLN C 60 15.23 -1.88 16.43
CA GLN C 60 14.53 -3.15 16.21
C GLN C 60 15.51 -4.28 16.11
N GLY C 61 15.31 -5.27 16.95
CA GLY C 61 16.13 -6.48 16.98
C GLY C 61 15.31 -7.64 16.48
N LYS C 62 15.88 -8.86 16.60
CA LYS C 62 15.22 -10.09 16.17
C LYS C 62 14.18 -10.56 17.19
N THR C 63 14.25 -10.01 18.45
CA THR C 63 13.35 -10.29 19.59
C THR C 63 12.88 -8.94 20.21
N ASN C 64 12.04 -8.98 21.27
CA ASN C 64 11.55 -7.79 21.97
C ASN C 64 12.29 -7.52 23.29
N HIS C 65 13.54 -7.89 23.34
CA HIS C 65 14.36 -7.66 24.54
C HIS C 65 15.82 -7.27 24.25
N ASP C 66 16.34 -7.36 23.00
CA ASP C 66 17.72 -6.92 22.72
C ASP C 66 17.91 -5.47 23.23
N TYR C 67 17.07 -4.54 22.74
CA TYR C 67 17.11 -3.12 23.07
C TYR C 67 16.34 -2.67 24.32
N LEU C 68 15.90 -3.65 25.16
CA LEU C 68 15.21 -3.39 26.42
C LEU C 68 16.21 -2.69 27.36
N ASN C 69 17.44 -3.23 27.37
CA ASN C 69 18.55 -2.73 28.19
C ASN C 69 19.80 -2.28 27.39
N LEU C 70 19.66 -2.06 26.06
CA LEU C 70 20.75 -1.53 25.21
C LEU C 70 20.31 -0.22 24.54
N ASP C 71 21.24 0.73 24.34
CA ASP C 71 20.98 2.00 23.67
C ASP C 71 21.32 1.90 22.16
N PHE C 72 21.14 3.00 21.41
CA PHE C 72 21.41 3.07 19.98
C PHE C 72 22.83 2.62 19.58
N GLU C 73 23.84 2.75 20.47
CA GLU C 73 25.20 2.29 20.14
C GLU C 73 25.53 0.89 20.73
N ARG C 74 24.46 0.14 21.09
CA ARG C 74 24.51 -1.22 21.66
C ARG C 74 25.25 -1.27 23.01
N GLU C 75 25.19 -0.17 23.75
CA GLU C 75 25.77 -0.05 25.09
C GLU C 75 24.69 -0.33 26.14
N HIS C 76 25.06 -1.06 27.19
CA HIS C 76 24.17 -1.41 28.29
C HIS C 76 23.70 -0.16 29.04
N ARG C 77 22.39 0.08 29.02
CA ARG C 77 21.76 1.17 29.75
C ARG C 77 20.46 0.60 30.32
N ARG C 78 20.19 0.80 31.63
CA ARG C 78 18.96 0.34 32.30
C ARG C 78 17.67 0.80 31.55
N LYS C 79 17.68 2.07 31.07
CA LYS C 79 16.59 2.70 30.32
C LYS C 79 16.52 2.26 28.84
N GLY C 80 17.54 1.53 28.37
CA GLY C 80 17.62 0.99 27.02
C GLY C 80 17.26 1.97 25.94
N SER C 81 16.47 1.51 24.98
CA SER C 81 16.04 2.38 23.91
C SER C 81 14.56 2.25 23.50
N ILE C 82 14.12 3.17 22.62
CA ILE C 82 12.76 3.12 22.08
C ILE C 82 12.83 2.05 20.99
N PHE C 83 12.09 0.95 21.16
CA PHE C 83 12.19 -0.09 20.16
C PHE C 83 10.84 -0.56 19.59
N MET C 84 10.89 -1.07 18.37
CA MET C 84 9.77 -1.62 17.63
C MET C 84 9.66 -3.12 17.92
N ASP C 85 8.45 -3.68 17.86
CA ASP C 85 8.21 -5.13 18.03
C ASP C 85 8.97 -5.85 16.88
N PHE C 86 9.56 -7.03 17.15
CA PHE C 86 10.32 -7.79 16.14
C PHE C 86 9.45 -8.24 14.93
N ARG C 87 8.15 -8.42 15.17
CA ARG C 87 7.21 -8.86 14.15
C ARG C 87 6.94 -7.77 13.08
N ASN C 88 7.03 -6.48 13.46
CA ASN C 88 6.71 -5.38 12.55
C ASN C 88 7.66 -5.14 11.40
N GLU C 89 7.11 -4.68 10.28
CA GLU C 89 7.83 -4.32 9.06
C GLU C 89 7.68 -2.81 8.86
N LEU C 90 8.55 -2.18 8.08
CA LEU C 90 8.44 -0.75 7.79
C LEU C 90 8.18 -0.39 6.32
N LYS C 91 8.72 -1.21 5.38
CA LYS C 91 8.55 -1.09 3.92
C LYS C 91 7.05 -1.07 3.62
N ASN C 92 6.33 -2.12 4.06
CA ASN C 92 4.88 -2.25 3.93
C ASN C 92 4.36 -2.56 5.33
N LEU C 93 3.90 -1.50 6.02
CA LEU C 93 3.43 -1.50 7.41
C LEU C 93 2.34 -2.49 7.63
N ASN C 94 2.37 -3.14 8.81
CA ASN C 94 1.35 -4.05 9.26
C ASN C 94 0.19 -3.20 9.74
N HIS C 95 -0.95 -3.82 10.03
CA HIS C 95 -2.12 -3.07 10.50
C HIS C 95 -1.85 -2.28 11.79
N ASN C 96 -1.04 -2.88 12.68
CA ASN C 96 -0.66 -2.27 13.94
C ASN C 96 0.84 -2.37 14.19
N THR C 97 1.50 -1.22 14.26
CA THR C 97 2.93 -1.15 14.51
C THR C 97 3.12 -0.78 15.99
N ILE C 98 3.83 -1.61 16.72
CA ILE C 98 3.95 -1.37 18.14
C ILE C 98 5.39 -0.93 18.59
N LEU C 99 5.46 0.16 19.38
CA LEU C 99 6.69 0.71 19.93
C LEU C 99 6.65 0.64 21.46
N TYR C 100 7.74 0.10 22.06
CA TYR C 100 7.97 -0.02 23.51
C TYR C 100 9.09 0.92 23.96
N GLY C 101 8.99 1.35 25.22
CA GLY C 101 9.94 2.23 25.88
C GLY C 101 9.68 2.34 27.36
N HIS C 102 10.75 2.47 28.15
CA HIS C 102 10.71 2.56 29.59
C HIS C 102 10.05 3.85 30.11
N HIS C 103 9.56 3.80 31.37
CA HIS C 103 8.96 4.93 32.09
C HIS C 103 9.40 4.99 33.59
N VAL C 104 10.61 5.53 33.81
CA VAL C 104 11.18 5.57 35.16
C VAL C 104 10.94 6.86 35.99
N GLY C 105 10.20 7.79 35.41
CA GLY C 105 9.81 9.05 36.05
C GLY C 105 10.86 10.13 36.10
N ASP C 106 11.84 10.11 35.20
CA ASP C 106 12.90 11.12 35.13
C ASP C 106 12.73 11.98 33.86
N ASN C 107 11.50 11.96 33.29
CA ASN C 107 11.10 12.65 32.08
C ASN C 107 11.94 12.27 30.85
N THR C 108 12.11 10.96 30.60
CA THR C 108 12.87 10.44 29.46
C THR C 108 12.11 9.26 28.84
N MET C 109 12.54 8.84 27.64
CA MET C 109 11.94 7.72 26.89
C MET C 109 10.41 7.86 26.77
N PHE C 110 9.61 6.95 27.38
CA PHE C 110 8.12 6.98 27.34
C PHE C 110 7.40 7.55 28.59
N ASP C 111 8.08 8.42 29.37
CA ASP C 111 7.54 9.09 30.57
C ASP C 111 6.43 10.06 30.11
N VAL C 112 6.45 10.44 28.81
CA VAL C 112 5.49 11.32 28.17
C VAL C 112 4.14 10.68 27.90
N LEU C 113 4.11 9.34 27.82
CA LEU C 113 2.90 8.56 27.57
C LEU C 113 1.89 8.64 28.72
N GLU C 114 2.39 8.84 29.95
CA GLU C 114 1.60 9.04 31.17
C GLU C 114 0.82 10.37 31.08
N ASP C 115 1.43 11.37 30.43
CA ASP C 115 0.80 12.68 30.23
C ASP C 115 -0.41 12.64 29.31
N TYR C 116 -0.48 11.67 28.37
CA TYR C 116 -1.59 11.51 27.43
C TYR C 116 -2.89 11.02 28.06
N LEU C 117 -2.82 10.62 29.34
CA LEU C 117 -3.98 10.19 30.11
C LEU C 117 -4.81 11.40 30.56
N LYS C 118 -4.31 12.62 30.27
CA LYS C 118 -4.93 13.90 30.58
C LYS C 118 -5.41 14.54 29.29
N GLN C 119 -6.70 14.97 29.28
CA GLN C 119 -7.31 15.62 28.14
C GLN C 119 -6.56 16.88 27.74
N SER C 120 -6.22 17.75 28.70
CA SER C 120 -5.50 19.01 28.48
C SER C 120 -4.15 18.82 27.76
N PHE C 121 -3.32 17.83 28.17
CA PHE C 121 -2.05 17.51 27.52
C PHE C 121 -2.29 17.02 26.09
N TYR C 122 -3.21 16.05 25.91
CA TYR C 122 -3.56 15.50 24.61
C TYR C 122 -3.84 16.62 23.60
N GLU C 123 -4.74 17.56 23.95
CA GLU C 123 -5.18 18.67 23.13
C GLU C 123 -4.02 19.50 22.61
N LYS C 124 -2.96 19.63 23.41
CA LYS C 124 -1.77 20.39 23.06
C LYS C 124 -0.74 19.57 22.29
N HIS C 125 -0.89 18.23 22.25
CA HIS C 125 0.06 17.30 21.63
C HIS C 125 -0.64 16.16 20.87
N LYS C 126 -1.58 16.50 20.01
CA LYS C 126 -2.39 15.54 19.23
C LYS C 126 -1.57 14.79 18.17
N ILE C 127 -0.45 15.37 17.75
CA ILE C 127 0.39 14.83 16.69
C ILE C 127 1.83 14.60 17.10
N ILE C 128 2.32 13.36 16.88
CA ILE C 128 3.71 12.91 17.12
C ILE C 128 4.37 12.66 15.75
N GLU C 129 5.65 13.03 15.62
CA GLU C 129 6.42 12.84 14.40
C GLU C 129 7.04 11.44 14.40
N PHE C 130 6.92 10.75 13.27
CA PHE C 130 7.54 9.45 13.12
C PHE C 130 8.17 9.41 11.73
N ASP C 131 9.47 9.10 11.66
CA ASP C 131 10.15 9.02 10.37
C ASP C 131 10.89 7.73 10.26
N ASN C 132 11.09 7.32 9.01
CA ASN C 132 11.88 6.14 8.64
C ASN C 132 12.43 6.28 7.22
N LYS C 133 13.07 5.23 6.72
CA LYS C 133 13.71 5.14 5.40
C LYS C 133 12.71 5.33 4.26
N TYR C 134 11.45 4.91 4.52
CA TYR C 134 10.32 4.86 3.58
C TYR C 134 9.39 6.08 3.54
N GLY C 135 9.48 6.96 4.53
CA GLY C 135 8.69 8.19 4.57
C GLY C 135 8.62 8.93 5.87
N LYS C 136 8.09 10.17 5.81
CA LYS C 136 7.82 11.03 6.95
C LYS C 136 6.36 10.79 7.34
N TYR C 137 6.09 10.54 8.62
CA TYR C 137 4.74 10.23 9.06
C TYR C 137 4.32 11.05 10.25
N GLN C 138 3.00 11.11 10.45
CA GLN C 138 2.37 11.70 11.61
C GLN C 138 1.68 10.60 12.37
N LEU C 139 1.70 10.70 13.70
CA LEU C 139 1.02 9.76 14.58
C LEU C 139 -0.11 10.55 15.19
N GLN C 140 -1.32 10.34 14.68
CA GLN C 140 -2.48 11.12 15.12
C GLN C 140 -3.17 10.38 16.23
N VAL C 141 -2.77 10.75 17.48
CA VAL C 141 -3.22 10.13 18.75
C VAL C 141 -4.73 10.18 18.84
N PHE C 142 -5.38 9.03 19.12
CA PHE C 142 -6.82 8.98 19.29
C PHE C 142 -7.25 8.27 20.56
N SER C 143 -6.36 7.49 21.13
CA SER C 143 -6.65 6.72 22.36
C SER C 143 -5.46 6.67 23.31
N ALA C 144 -5.75 6.75 24.62
CA ALA C 144 -4.74 6.69 25.68
C ALA C 144 -5.38 6.05 26.88
N TYR C 145 -4.77 4.98 27.39
CA TYR C 145 -5.31 4.19 28.50
C TYR C 145 -4.27 3.36 29.27
N LYS C 146 -4.61 3.08 30.53
CA LYS C 146 -3.82 2.24 31.41
C LYS C 146 -4.45 0.86 31.27
N THR C 147 -3.61 -0.17 31.17
CA THR C 147 -4.05 -1.56 31.05
C THR C 147 -3.08 -2.51 31.71
N THR C 148 -3.41 -3.80 31.75
CA THR C 148 -2.53 -4.83 32.31
C THR C 148 -1.85 -5.59 31.18
N THR C 149 -1.12 -6.65 31.53
CA THR C 149 -0.48 -7.52 30.55
C THR C 149 -1.46 -8.66 30.18
N LYS C 150 -2.63 -8.71 30.85
CA LYS C 150 -3.69 -9.70 30.64
C LYS C 150 -4.54 -9.29 29.41
N ASP C 151 -4.35 -8.04 28.95
CA ASP C 151 -5.02 -7.45 27.81
C ASP C 151 -4.04 -7.37 26.61
N ASN C 152 -4.48 -7.90 25.43
CA ASN C 152 -3.70 -7.94 24.19
C ASN C 152 -3.97 -6.71 23.26
N TYR C 153 -3.18 -5.67 23.46
CA TYR C 153 -3.23 -4.44 22.67
C TYR C 153 -2.10 -4.48 21.62
N ILE C 154 -1.29 -5.58 21.70
CA ILE C 154 -0.08 -5.99 20.99
C ILE C 154 -0.32 -6.65 19.61
N ARG C 155 -1.59 -6.92 19.27
CA ARG C 155 -2.02 -7.57 18.02
C ARG C 155 -1.48 -6.83 16.82
N THR C 156 -0.72 -7.54 15.98
CA THR C 156 0.00 -6.94 14.85
C THR C 156 -0.81 -7.02 13.56
N ASP C 157 -1.45 -8.18 13.33
CA ASP C 157 -2.29 -8.42 12.17
C ASP C 157 -3.62 -9.08 12.49
N PHE C 158 -4.60 -8.97 11.58
CA PHE C 158 -5.99 -9.43 11.77
C PHE C 158 -6.47 -10.40 10.70
N GLU C 159 -7.53 -11.21 10.99
CA GLU C 159 -8.06 -12.19 10.03
C GLU C 159 -8.89 -11.56 8.91
N ASN C 160 -9.58 -10.48 9.23
CA ASN C 160 -10.46 -9.76 8.30
C ASN C 160 -10.74 -8.40 8.86
N ASP C 161 -11.51 -7.61 8.12
CA ASP C 161 -11.85 -6.26 8.55
C ASP C 161 -12.71 -6.22 9.82
N GLN C 162 -13.59 -7.23 10.02
CA GLN C 162 -14.45 -7.32 11.20
C GLN C 162 -13.62 -7.43 12.48
N ASP C 163 -12.57 -8.27 12.45
CA ASP C 163 -11.63 -8.47 13.54
C ASP C 163 -10.89 -7.14 13.83
N TYR C 164 -10.42 -6.46 12.77
CA TYR C 164 -9.74 -5.20 12.89
C TYR C 164 -10.66 -4.12 13.42
N GLN C 165 -11.93 -4.10 12.94
CA GLN C 165 -12.92 -3.13 13.40
C GLN C 165 -13.21 -3.31 14.87
N GLN C 166 -13.35 -4.57 15.31
CA GLN C 166 -13.56 -4.93 16.71
C GLN C 166 -12.43 -4.29 17.56
N PHE C 167 -11.16 -4.51 17.13
CA PHE C 167 -9.95 -4.01 17.77
C PHE C 167 -9.94 -2.49 17.89
N LEU C 168 -10.27 -1.78 16.79
CA LEU C 168 -10.34 -0.31 16.75
C LEU C 168 -11.41 0.20 17.68
N ASP C 169 -12.60 -0.40 17.64
CA ASP C 169 -13.68 0.01 18.52
C ASP C 169 -13.39 -0.24 20.00
N GLU C 170 -12.70 -1.35 20.31
CA GLU C 170 -12.28 -1.67 21.67
C GLU C 170 -11.27 -0.60 22.14
N THR C 171 -10.32 -0.24 21.26
CA THR C 171 -9.28 0.77 21.47
C THR C 171 -9.90 2.11 21.88
N LYS C 172 -10.93 2.56 21.14
CA LYS C 172 -11.64 3.81 21.40
C LYS C 172 -12.43 3.71 22.72
N ARG C 173 -13.03 2.53 22.98
CA ARG C 173 -13.85 2.27 24.17
C ARG C 173 -13.00 2.32 25.43
N LYS C 174 -11.76 1.82 25.35
CA LYS C 174 -10.83 1.80 26.48
C LYS C 174 -10.25 3.21 26.77
N SER C 175 -10.23 4.12 25.77
CA SER C 175 -9.65 5.47 25.87
C SER C 175 -10.14 6.31 27.05
N VAL C 176 -9.19 6.99 27.71
CA VAL C 176 -9.36 7.89 28.85
C VAL C 176 -9.47 9.31 28.30
N ILE C 177 -9.24 9.45 26.99
CA ILE C 177 -9.30 10.72 26.27
C ILE C 177 -10.33 10.74 25.11
N ASN C 178 -10.90 11.92 24.82
CA ASN C 178 -11.85 12.17 23.73
C ASN C 178 -11.08 12.76 22.54
N SER C 179 -11.22 12.14 21.38
CA SER C 179 -10.49 12.57 20.19
C SER C 179 -11.41 12.78 18.98
N ASP C 180 -11.04 13.70 18.08
CA ASP C 180 -11.75 14.00 16.85
C ASP C 180 -11.16 13.21 15.64
N VAL C 181 -10.19 12.31 15.89
CA VAL C 181 -9.60 11.50 14.81
C VAL C 181 -10.47 10.29 14.48
N ASN C 182 -10.75 10.16 13.19
CA ASN C 182 -11.56 9.11 12.62
C ASN C 182 -10.65 8.04 12.07
N VAL C 183 -10.84 6.84 12.60
CA VAL C 183 -10.03 5.68 12.26
C VAL C 183 -10.95 4.60 11.71
N THR C 184 -10.69 4.17 10.47
CA THR C 184 -11.44 3.13 9.76
C THR C 184 -10.55 1.92 9.56
N VAL C 185 -11.11 0.81 9.07
CA VAL C 185 -10.37 -0.41 8.76
C VAL C 185 -9.36 -0.24 7.59
N LYS C 186 -9.48 0.90 6.85
CA LYS C 186 -8.62 1.21 5.71
C LYS C 186 -7.34 1.88 6.18
N ASP C 187 -7.31 2.26 7.47
CA ASP C 187 -6.19 2.91 8.16
C ASP C 187 -5.24 1.93 8.84
N ARG C 188 -3.98 2.42 9.05
CA ARG C 188 -2.93 1.71 9.76
C ARG C 188 -2.64 2.45 11.04
N ILE C 189 -2.39 1.68 12.07
CA ILE C 189 -2.23 2.18 13.41
C ILE C 189 -0.84 2.01 14.03
N MET C 190 -0.57 2.85 15.03
CA MET C 190 0.65 2.72 15.80
C MET C 190 0.34 2.72 17.27
N THR C 191 0.87 1.72 17.97
CA THR C 191 0.67 1.58 19.40
C THR C 191 1.94 1.95 20.08
N LEU C 192 1.86 2.89 21.04
CA LEU C 192 3.00 3.24 21.91
C LEU C 192 2.71 2.71 23.33
N SER C 193 3.51 1.75 23.75
CA SER C 193 3.36 1.09 25.05
C SER C 193 4.57 1.34 25.99
N THR C 194 4.32 1.35 27.31
CA THR C 194 5.41 1.47 28.29
C THR C 194 6.04 0.09 28.47
N CYS C 195 7.34 0.08 28.70
CA CYS C 195 8.10 -1.13 28.93
C CYS C 195 8.63 -1.17 30.33
N GLU C 196 8.48 -2.32 30.93
CA GLU C 196 9.00 -2.62 32.25
C GLU C 196 10.12 -3.61 32.06
N ASP C 197 11.05 -3.63 33.01
CA ASP C 197 12.17 -4.58 32.98
C ASP C 197 11.65 -6.02 33.07
N ALA C 198 12.48 -6.97 32.60
CA ALA C 198 12.14 -8.39 32.63
C ALA C 198 11.84 -8.82 34.05
N TYR C 199 10.76 -9.63 34.20
CA TYR C 199 10.32 -10.22 35.48
C TYR C 199 9.96 -9.19 36.56
N SER C 200 9.45 -8.01 36.13
CA SER C 200 9.06 -6.94 37.04
C SER C 200 7.71 -7.29 37.71
N GLU C 201 7.52 -6.89 38.99
CA GLU C 201 6.29 -7.09 39.77
C GLU C 201 5.08 -6.35 39.10
N THR C 202 5.36 -5.14 38.53
CA THR C 202 4.41 -4.26 37.86
C THR C 202 3.84 -4.90 36.61
N THR C 203 2.51 -4.95 36.53
CA THR C 203 1.79 -5.52 35.42
C THR C 203 1.10 -4.44 34.59
N LYS C 204 0.95 -3.21 35.17
CA LYS C 204 0.32 -2.06 34.49
C LYS C 204 1.17 -1.47 33.35
N ARG C 205 0.48 -1.11 32.26
CA ARG C 205 1.03 -0.52 31.03
C ARG C 205 0.19 0.66 30.59
N ILE C 206 0.85 1.72 30.10
CA ILE C 206 0.23 2.93 29.54
C ILE C 206 0.26 2.75 28.02
N VAL C 207 -0.88 2.81 27.37
CA VAL C 207 -0.93 2.61 25.91
C VAL C 207 -1.47 3.82 25.23
N VAL C 208 -0.69 4.36 24.29
CA VAL C 208 -1.20 5.43 23.46
C VAL C 208 -1.32 4.89 22.04
N VAL C 209 -2.50 5.01 21.43
CA VAL C 209 -2.75 4.51 20.07
C VAL C 209 -2.97 5.66 19.16
N ALA C 210 -2.36 5.58 17.97
CA ALA C 210 -2.47 6.65 16.96
C ALA C 210 -2.66 6.15 15.50
N LYS C 211 -3.33 7.00 14.67
CA LYS C 211 -3.51 6.77 13.24
C LYS C 211 -2.24 7.29 12.46
N ILE C 212 -1.61 6.38 11.68
CA ILE C 212 -0.45 6.71 10.85
C ILE C 212 -0.87 7.45 9.57
N ILE C 213 -0.36 8.67 9.39
CA ILE C 213 -0.62 9.48 8.18
C ILE C 213 0.70 9.78 7.50
N LYS C 214 0.82 9.49 6.20
CA LYS C 214 2.07 9.79 5.49
C LYS C 214 2.05 11.24 5.03
N VAL C 215 3.03 12.01 5.47
CA VAL C 215 3.12 13.44 5.11
C VAL C 215 4.09 13.75 3.97
N SER C 216 5.00 12.81 3.64
CA SER C 216 5.96 12.88 2.53
C SER C 216 5.41 12.26 1.23
N ASN D 2 2.42 -14.41 26.39
CA ASN D 2 2.61 -13.01 26.00
C ASN D 2 4.08 -12.64 25.73
N PRO D 3 4.40 -11.95 24.61
CA PRO D 3 5.80 -11.54 24.39
C PRO D 3 6.28 -10.48 25.41
N GLN D 4 7.55 -10.07 25.34
CA GLN D 4 8.10 -9.03 26.19
C GLN D 4 7.55 -7.70 25.63
N SER E 1 -30.42 2.20 -11.29
CA SER E 1 -31.22 1.01 -11.01
C SER E 1 -31.63 0.25 -12.28
N MET E 2 -32.31 0.91 -13.24
CA MET E 2 -32.67 0.25 -14.50
C MET E 2 -31.38 -0.13 -15.25
N GLU E 3 -30.32 0.72 -15.16
CA GLU E 3 -29.02 0.40 -15.72
C GLU E 3 -28.43 -0.64 -14.78
N ASP E 4 -27.90 -0.17 -13.61
CA ASP E 4 -27.17 -0.88 -12.54
C ASP E 4 -27.59 -2.30 -12.16
N LYS E 5 -28.87 -2.68 -12.45
CA LYS E 5 -29.33 -4.04 -12.18
C LYS E 5 -29.35 -4.85 -13.46
N GLN E 6 -29.87 -4.24 -14.55
CA GLN E 6 -29.98 -4.85 -15.89
C GLN E 6 -28.60 -5.06 -16.49
N GLU E 7 -27.76 -3.99 -16.52
CA GLU E 7 -26.38 -4.00 -17.01
C GLU E 7 -25.61 -5.07 -16.22
N ARG E 8 -25.77 -5.08 -14.89
CA ARG E 8 -25.05 -6.00 -14.02
C ARG E 8 -25.46 -7.46 -14.33
N ALA E 9 -26.78 -7.75 -14.41
CA ALA E 9 -27.27 -9.10 -14.75
C ALA E 9 -26.83 -9.47 -16.16
N ASN E 10 -26.58 -8.45 -17.00
CA ASN E 10 -26.10 -8.63 -18.35
C ASN E 10 -24.64 -9.05 -18.37
N TYR E 11 -23.79 -8.52 -17.44
CA TYR E 11 -22.37 -8.93 -17.36
C TYR E 11 -22.28 -10.29 -16.74
N GLU E 12 -23.20 -10.62 -15.78
CA GLU E 12 -23.30 -11.92 -15.10
C GLU E 12 -23.58 -13.02 -16.13
N LYS E 13 -24.54 -12.83 -17.03
CA LYS E 13 -24.88 -13.78 -18.10
C LYS E 13 -23.69 -14.02 -19.05
N LEU E 14 -22.99 -12.97 -19.44
CA LEU E 14 -21.86 -13.10 -20.35
C LEU E 14 -20.73 -13.80 -19.67
N GLN E 15 -20.46 -13.45 -18.39
CA GLN E 15 -19.43 -14.10 -17.56
C GLN E 15 -19.69 -15.58 -17.47
N GLN E 16 -20.97 -15.97 -17.27
CA GLN E 16 -21.39 -17.37 -17.18
C GLN E 16 -21.19 -18.10 -18.52
N LYS E 17 -21.60 -17.48 -19.66
CA LYS E 17 -21.41 -18.02 -21.00
C LYS E 17 -19.93 -18.31 -21.27
N PHE E 18 -19.04 -17.35 -20.92
CA PHE E 18 -17.58 -17.50 -21.07
C PHE E 18 -16.96 -18.62 -20.20
N GLN E 19 -17.42 -18.75 -18.93
CA GLN E 19 -17.02 -19.85 -18.03
C GLN E 19 -17.51 -21.21 -18.59
N MET E 20 -18.62 -21.21 -19.33
CA MET E 20 -19.14 -22.44 -19.92
C MET E 20 -18.26 -22.77 -21.12
N LEU E 21 -18.00 -21.80 -21.98
CA LEU E 21 -17.14 -21.93 -23.17
C LEU E 21 -15.72 -22.43 -22.83
N MET E 22 -15.12 -21.89 -21.74
CA MET E 22 -13.82 -22.28 -21.20
C MET E 22 -13.80 -23.78 -20.78
N SER E 23 -14.80 -24.21 -19.99
CA SER E 23 -15.00 -25.59 -19.52
C SER E 23 -15.26 -26.58 -20.66
N LYS E 24 -15.90 -26.13 -21.74
CA LYS E 24 -16.23 -26.93 -22.93
C LYS E 24 -14.99 -27.14 -23.84
N HIS E 25 -14.19 -26.09 -24.06
CA HIS E 25 -13.00 -26.15 -24.92
C HIS E 25 -11.74 -26.13 -24.06
N GLN E 26 -11.55 -27.25 -23.36
CA GLN E 26 -10.50 -27.55 -22.37
C GLN E 26 -9.06 -27.24 -22.80
N GLU E 27 -8.68 -27.54 -24.06
CA GLU E 27 -7.33 -27.25 -24.56
C GLU E 27 -7.29 -25.95 -25.38
N HIS E 28 -8.23 -25.81 -26.32
CA HIS E 28 -8.36 -24.69 -27.25
C HIS E 28 -8.85 -23.37 -26.64
N VAL E 29 -8.84 -22.30 -27.48
CA VAL E 29 -9.23 -20.93 -27.13
C VAL E 29 -9.98 -20.24 -28.28
N ARG E 30 -9.67 -20.63 -29.55
CA ARG E 30 -10.28 -20.05 -30.76
C ARG E 30 -11.78 -20.27 -30.79
N PRO E 31 -12.32 -21.51 -30.56
CA PRO E 31 -13.78 -21.69 -30.60
C PRO E 31 -14.51 -20.79 -29.61
N GLN E 32 -13.90 -20.56 -28.44
CA GLN E 32 -14.47 -19.71 -27.39
C GLN E 32 -14.67 -18.30 -27.82
N PHE E 33 -13.67 -17.69 -28.51
CA PHE E 33 -13.73 -16.33 -29.05
C PHE E 33 -14.54 -16.23 -30.34
N GLU E 34 -14.55 -17.27 -31.21
CA GLU E 34 -15.40 -17.32 -32.42
C GLU E 34 -16.89 -17.27 -32.00
N SER E 35 -17.22 -17.91 -30.86
CA SER E 35 -18.56 -17.92 -30.26
C SER E 35 -18.88 -16.54 -29.73
N LEU E 36 -17.95 -15.93 -29.00
CA LEU E 36 -18.09 -14.58 -28.46
C LEU E 36 -18.22 -13.52 -29.60
N GLU E 37 -17.60 -13.77 -30.78
CA GLU E 37 -17.66 -12.86 -31.94
C GLU E 37 -19.02 -12.84 -32.60
N LYS E 38 -19.86 -13.85 -32.33
CA LYS E 38 -21.24 -13.89 -32.82
C LYS E 38 -22.01 -12.74 -32.13
N ILE E 39 -21.71 -12.49 -30.83
CA ILE E 39 -22.31 -11.40 -30.04
C ILE E 39 -21.82 -10.05 -30.59
N ASN E 40 -20.49 -9.90 -30.73
CA ASN E 40 -19.86 -8.71 -31.27
C ASN E 40 -18.51 -9.09 -31.82
N LYS E 41 -18.31 -8.84 -33.11
CA LYS E 41 -17.09 -9.12 -33.85
C LYS E 41 -15.90 -8.33 -33.28
N ASP E 42 -16.18 -7.30 -32.46
CA ASP E 42 -15.21 -6.43 -31.80
C ASP E 42 -14.70 -6.96 -30.49
N ILE E 43 -15.30 -8.07 -29.99
CA ILE E 43 -14.81 -8.75 -28.78
C ILE E 43 -13.56 -9.47 -29.21
N VAL E 44 -12.41 -8.97 -28.73
CA VAL E 44 -11.09 -9.47 -29.10
C VAL E 44 -10.42 -10.33 -27.99
N GLY E 45 -10.89 -10.19 -26.77
CA GLY E 45 -10.32 -10.88 -25.63
C GLY E 45 -11.19 -10.91 -24.40
N TRP E 46 -10.63 -11.49 -23.31
CA TRP E 46 -11.29 -11.56 -22.01
C TRP E 46 -10.27 -11.35 -20.93
N ILE E 47 -10.61 -10.53 -19.93
CA ILE E 47 -9.70 -10.21 -18.80
C ILE E 47 -10.33 -10.67 -17.49
N LYS E 48 -9.57 -11.37 -16.63
CA LYS E 48 -10.14 -11.89 -15.39
C LYS E 48 -9.17 -11.95 -14.23
N LEU E 49 -9.56 -11.33 -13.12
CA LEU E 49 -8.81 -11.40 -11.87
C LEU E 49 -9.76 -12.02 -10.88
N SER E 50 -9.45 -13.28 -10.47
CA SER E 50 -10.28 -14.03 -9.53
C SER E 50 -10.36 -13.34 -8.19
N GLY E 51 -11.55 -13.38 -7.61
CA GLY E 51 -11.82 -12.81 -6.30
C GLY E 51 -12.17 -11.36 -6.33
N THR E 52 -12.15 -10.75 -7.54
CA THR E 52 -12.41 -9.34 -7.80
C THR E 52 -13.49 -9.25 -8.86
N SER E 53 -13.96 -8.01 -9.12
CA SER E 53 -15.00 -7.69 -10.09
C SER E 53 -14.47 -7.69 -11.53
N LEU E 54 -13.13 -7.71 -11.73
CA LEU E 54 -12.51 -7.71 -13.06
C LEU E 54 -12.70 -9.10 -13.69
N ASN E 55 -13.74 -9.22 -14.56
CA ASN E 55 -14.14 -10.43 -15.27
C ASN E 55 -14.95 -9.94 -16.47
N TYR E 56 -14.25 -9.38 -17.46
CA TYR E 56 -14.93 -8.75 -18.60
C TYR E 56 -14.40 -9.10 -19.97
N PRO E 57 -15.26 -8.96 -21.02
CA PRO E 57 -14.74 -9.10 -22.38
C PRO E 57 -13.88 -7.87 -22.72
N VAL E 58 -13.02 -7.99 -23.71
CA VAL E 58 -12.16 -6.87 -24.12
C VAL E 58 -12.52 -6.53 -25.54
N LEU E 59 -12.89 -5.28 -25.76
CA LEU E 59 -13.33 -4.82 -27.04
C LEU E 59 -12.33 -3.94 -27.75
N GLN E 60 -12.47 -3.84 -29.08
CA GLN E 60 -11.55 -3.01 -29.85
C GLN E 60 -12.25 -2.42 -31.04
N GLY E 61 -12.21 -1.10 -31.11
CA GLY E 61 -12.78 -0.34 -32.20
C GLY E 61 -11.68 0.21 -33.08
N LYS E 62 -12.06 1.03 -34.08
CA LYS E 62 -11.13 1.62 -35.02
C LYS E 62 -10.44 2.84 -34.37
N THR E 63 -10.99 3.30 -33.21
CA THR E 63 -10.53 4.43 -32.39
C THR E 63 -10.64 4.10 -30.88
N ASN E 64 -10.04 4.93 -30.01
CA ASN E 64 -10.03 4.79 -28.54
C ASN E 64 -11.26 5.42 -27.85
N HIS E 65 -12.36 5.56 -28.59
CA HIS E 65 -13.59 6.12 -28.00
C HIS E 65 -14.86 5.39 -28.41
N ASP E 66 -14.77 4.42 -29.36
CA ASP E 66 -15.90 3.60 -29.83
C ASP E 66 -16.66 3.02 -28.64
N TYR E 67 -15.92 2.29 -27.78
CA TYR E 67 -16.38 1.58 -26.59
C TYR E 67 -16.14 2.31 -25.27
N LEU E 68 -15.94 3.63 -25.32
CA LEU E 68 -15.76 4.47 -24.13
C LEU E 68 -17.10 4.51 -23.39
N ASN E 69 -18.18 4.69 -24.18
CA ASN E 69 -19.55 4.76 -23.70
C ASN E 69 -20.51 3.68 -24.29
N LEU E 70 -19.96 2.59 -24.87
CA LEU E 70 -20.73 1.45 -25.40
C LEU E 70 -20.27 0.16 -24.71
N ASP E 71 -21.20 -0.80 -24.47
CA ASP E 71 -20.90 -2.10 -23.88
C ASP E 71 -20.68 -3.16 -24.98
N PHE E 72 -20.43 -4.41 -24.59
CA PHE E 72 -20.22 -5.54 -25.51
C PHE E 72 -21.33 -5.74 -26.56
N GLU E 73 -22.58 -5.36 -26.27
CA GLU E 73 -23.64 -5.49 -27.27
C GLU E 73 -23.94 -4.17 -28.03
N ARG E 74 -22.96 -3.22 -27.98
CA ARG E 74 -23.01 -1.91 -28.63
C ARG E 74 -24.15 -1.02 -28.10
N GLU E 75 -24.53 -1.24 -26.83
CA GLU E 75 -25.55 -0.46 -26.13
C GLU E 75 -24.88 0.66 -25.33
N HIS E 76 -25.49 1.86 -25.35
CA HIS E 76 -24.99 3.02 -24.64
C HIS E 76 -24.99 2.79 -23.13
N ARG E 77 -23.81 2.84 -22.51
CA ARG E 77 -23.65 2.71 -21.07
C ARG E 77 -22.55 3.71 -20.67
N ARG E 78 -22.78 4.54 -19.63
CA ARG E 78 -21.79 5.51 -19.13
C ARG E 78 -20.40 4.87 -18.82
N LYS E 79 -20.44 3.65 -18.21
CA LYS E 79 -19.25 2.85 -17.85
C LYS E 79 -18.63 2.11 -19.03
N GLY E 80 -19.29 2.15 -20.20
CA GLY E 80 -18.82 1.53 -21.44
C GLY E 80 -18.29 0.13 -21.27
N SER E 81 -17.20 -0.14 -21.97
CA SER E 81 -16.59 -1.46 -21.95
C SER E 81 -15.06 -1.40 -21.74
N ILE E 82 -14.45 -2.56 -21.40
CA ILE E 82 -13.00 -2.72 -21.27
C ILE E 82 -12.52 -2.79 -22.72
N PHE E 83 -11.66 -1.83 -23.12
CA PHE E 83 -11.27 -1.79 -24.52
C PHE E 83 -9.79 -1.66 -24.77
N MET E 84 -9.32 -2.39 -25.78
CA MET E 84 -7.94 -2.39 -26.24
C MET E 84 -7.70 -1.27 -27.20
N ASP E 85 -6.57 -0.53 -27.05
CA ASP E 85 -6.11 0.56 -27.95
C ASP E 85 -6.30 0.15 -29.44
N PHE E 86 -6.69 1.09 -30.32
CA PHE E 86 -6.92 0.80 -31.75
C PHE E 86 -5.64 0.38 -32.51
N ARG E 87 -4.48 0.88 -32.04
CA ARG E 87 -3.20 0.60 -32.67
C ARG E 87 -2.75 -0.87 -32.47
N ASN E 88 -3.14 -1.50 -31.34
CA ASN E 88 -2.70 -2.86 -31.01
C ASN E 88 -3.23 -3.97 -31.87
N GLU E 89 -2.41 -5.00 -32.06
CA GLU E 89 -2.71 -6.23 -32.80
C GLU E 89 -2.75 -7.38 -31.77
N LEU E 90 -3.39 -8.51 -32.10
CA LEU E 90 -3.40 -9.67 -31.19
C LEU E 90 -2.71 -10.92 -31.75
N LYS E 91 -2.78 -11.12 -33.09
CA LYS E 91 -2.14 -12.20 -33.83
C LYS E 91 -0.63 -12.21 -33.49
N ASN E 92 0.04 -11.08 -33.74
CA ASN E 92 1.45 -10.87 -33.41
C ASN E 92 1.50 -9.58 -32.58
N LEU E 93 1.53 -9.73 -31.25
CA LEU E 93 1.50 -8.67 -30.24
C LEU E 93 2.57 -7.66 -30.43
N ASN E 94 2.22 -6.39 -30.18
CA ASN E 94 3.16 -5.28 -30.22
C ASN E 94 3.94 -5.34 -28.93
N HIS E 95 4.99 -4.52 -28.79
CA HIS E 95 5.81 -4.53 -27.57
C HIS E 95 4.99 -4.18 -26.32
N ASN E 96 4.01 -3.27 -26.48
CA ASN E 96 3.11 -2.84 -25.41
C ASN E 96 1.66 -2.84 -25.84
N THR E 97 0.86 -3.70 -25.20
CA THR E 97 -0.57 -3.79 -25.47
C THR E 97 -1.33 -3.02 -24.38
N ILE E 98 -2.16 -2.01 -24.76
CA ILE E 98 -2.86 -1.17 -23.78
C ILE E 98 -4.36 -1.45 -23.72
N LEU E 99 -4.90 -1.53 -22.49
CA LEU E 99 -6.30 -1.74 -22.18
C LEU E 99 -6.72 -0.61 -21.27
N TYR E 100 -7.83 0.05 -21.66
CA TYR E 100 -8.48 1.13 -20.92
C TYR E 100 -9.86 0.67 -20.43
N GLY E 101 -10.28 1.28 -19.32
CA GLY E 101 -11.54 1.03 -18.66
C GLY E 101 -11.82 2.06 -17.59
N HIS E 102 -13.08 2.25 -17.28
CA HIS E 102 -13.56 3.23 -16.31
C HIS E 102 -13.28 2.86 -14.84
N HIS E 103 -13.31 3.89 -13.95
CA HIS E 103 -13.16 3.77 -12.49
C HIS E 103 -14.10 4.74 -11.73
N VAL E 104 -15.37 4.35 -11.61
CA VAL E 104 -16.39 5.19 -10.98
C VAL E 104 -16.65 4.94 -9.47
N GLY E 105 -15.90 4.01 -8.89
CA GLY E 105 -15.96 3.68 -7.47
C GLY E 105 -17.10 2.79 -7.02
N ASP E 106 -17.68 2.00 -7.94
CA ASP E 106 -18.79 1.10 -7.62
C ASP E 106 -18.32 -0.36 -7.72
N ASN E 107 -17.00 -0.56 -7.65
CA ASN E 107 -16.33 -1.85 -7.76
C ASN E 107 -16.64 -2.61 -9.07
N THR E 108 -16.49 -1.91 -10.21
CA THR E 108 -16.72 -2.49 -11.55
C THR E 108 -15.62 -2.01 -12.50
N MET E 109 -15.54 -2.63 -13.69
CA MET E 109 -14.56 -2.31 -14.74
C MET E 109 -13.13 -2.29 -14.19
N PHE E 110 -12.46 -1.10 -14.22
CA PHE E 110 -11.07 -0.92 -13.74
C PHE E 110 -10.90 -0.30 -12.33
N ASP E 111 -11.94 -0.37 -11.47
CA ASP E 111 -11.92 0.11 -10.07
C ASP E 111 -10.91 -0.77 -9.25
N VAL E 112 -10.50 -1.92 -9.84
CA VAL E 112 -9.53 -2.83 -9.26
C VAL E 112 -8.07 -2.38 -9.43
N LEU E 113 -7.78 -1.52 -10.42
CA LEU E 113 -6.43 -1.00 -10.65
C LEU E 113 -5.94 -0.15 -9.48
N GLU E 114 -6.85 0.62 -8.87
CA GLU E 114 -6.59 1.47 -7.71
C GLU E 114 -6.08 0.61 -6.54
N ASP E 115 -6.56 -0.64 -6.45
CA ASP E 115 -6.13 -1.57 -5.41
C ASP E 115 -4.67 -2.01 -5.55
N TYR E 116 -4.12 -2.02 -6.79
CA TYR E 116 -2.75 -2.42 -7.08
C TYR E 116 -1.70 -1.44 -6.58
N LEU E 117 -2.13 -0.25 -6.13
CA LEU E 117 -1.26 0.78 -5.56
C LEU E 117 -0.85 0.40 -4.13
N LYS E 118 -1.40 -0.72 -3.62
CA LYS E 118 -1.14 -1.27 -2.29
C LYS E 118 -0.34 -2.55 -2.46
N GLN E 119 0.78 -2.66 -1.71
CA GLN E 119 1.65 -3.84 -1.74
C GLN E 119 0.89 -5.10 -1.34
N SER E 120 0.11 -5.03 -0.24
CA SER E 120 -0.68 -6.17 0.28
C SER E 120 -1.65 -6.77 -0.76
N PHE E 121 -2.39 -5.93 -1.51
CA PHE E 121 -3.30 -6.36 -2.57
C PHE E 121 -2.50 -7.03 -3.69
N TYR E 122 -1.45 -6.34 -4.19
CA TYR E 122 -0.58 -6.86 -5.24
C TYR E 122 -0.15 -8.32 -4.96
N GLU E 123 0.41 -8.57 -3.75
CA GLU E 123 0.94 -9.85 -3.30
C GLU E 123 -0.11 -10.96 -3.42
N LYS E 124 -1.39 -10.63 -3.19
CA LYS E 124 -2.50 -11.57 -3.28
C LYS E 124 -3.04 -11.71 -4.70
N HIS E 125 -2.67 -10.81 -5.63
CA HIS E 125 -3.19 -10.78 -7.00
C HIS E 125 -2.10 -10.45 -8.03
N LYS E 126 -0.99 -11.17 -7.98
CA LYS E 126 0.17 -10.95 -8.86
C LYS E 126 -0.10 -11.31 -10.32
N ILE E 127 -1.09 -12.21 -10.56
CA ILE E 127 -1.42 -12.72 -11.89
C ILE E 127 -2.87 -12.46 -12.30
N ILE E 128 -3.05 -11.86 -13.48
CA ILE E 128 -4.34 -11.60 -14.12
C ILE E 128 -4.45 -12.52 -15.36
N GLU E 129 -5.65 -13.08 -15.59
CA GLU E 129 -5.91 -13.93 -16.74
C GLU E 129 -6.27 -13.09 -17.96
N PHE E 130 -5.66 -13.39 -19.09
CA PHE E 130 -5.99 -12.72 -20.34
C PHE E 130 -6.09 -13.77 -21.43
N ASP E 131 -7.23 -13.81 -22.13
CA ASP E 131 -7.40 -14.79 -23.20
C ASP E 131 -7.83 -14.10 -24.46
N ASN E 132 -7.50 -14.72 -25.59
CA ASN E 132 -7.90 -14.26 -26.91
C ASN E 132 -7.94 -15.43 -27.88
N LYS E 133 -8.24 -15.17 -29.15
CA LYS E 133 -8.38 -16.17 -30.22
C LYS E 133 -7.10 -16.97 -30.44
N TYR E 134 -5.94 -16.33 -30.13
CA TYR E 134 -4.56 -16.78 -30.35
C TYR E 134 -3.88 -17.49 -29.20
N GLY E 135 -4.44 -17.41 -27.99
CA GLY E 135 -3.89 -18.10 -26.83
C GLY E 135 -4.39 -17.68 -25.48
N LYS E 136 -4.07 -18.50 -24.45
CA LYS E 136 -4.35 -18.24 -23.05
C LYS E 136 -3.09 -17.55 -22.49
N TYR E 137 -3.24 -16.43 -21.78
CA TYR E 137 -2.10 -15.70 -21.27
C TYR E 137 -2.24 -15.35 -19.82
N GLN E 138 -1.10 -15.03 -19.19
CA GLN E 138 -1.01 -14.50 -17.85
C GLN E 138 -0.47 -13.11 -17.95
N LEU E 139 -0.96 -12.22 -17.09
CA LEU E 139 -0.49 -10.84 -16.99
C LEU E 139 0.24 -10.79 -15.65
N GLN E 140 1.56 -10.83 -15.71
CA GLN E 140 2.36 -10.87 -14.48
C GLN E 140 2.74 -9.46 -14.10
N VAL E 141 1.90 -8.89 -13.22
CA VAL E 141 1.98 -7.51 -12.74
C VAL E 141 3.35 -7.24 -12.14
N PHE E 142 4.03 -6.16 -12.57
CA PHE E 142 5.32 -5.77 -12.02
C PHE E 142 5.37 -4.31 -11.61
N SER E 143 4.45 -3.49 -12.11
CA SER E 143 4.42 -2.05 -11.82
C SER E 143 2.98 -1.51 -11.69
N ALA E 144 2.78 -0.56 -10.77
CA ALA E 144 1.50 0.12 -10.52
C ALA E 144 1.80 1.50 -9.99
N TYR E 145 1.25 2.52 -10.66
CA TYR E 145 1.47 3.92 -10.31
C TYR E 145 0.35 4.86 -10.76
N LYS E 146 0.28 6.03 -10.10
CA LYS E 146 -0.63 7.11 -10.45
C LYS E 146 0.19 8.05 -11.31
N THR E 147 -0.41 8.53 -12.40
CA THR E 147 0.26 9.46 -13.30
C THR E 147 -0.70 10.45 -13.89
N THR E 148 -0.16 11.40 -14.66
CA THR E 148 -0.94 12.39 -15.36
C THR E 148 -1.06 11.99 -16.84
N THR E 149 -1.78 12.82 -17.62
CA THR E 149 -1.91 12.59 -19.05
C THR E 149 -0.70 13.25 -19.77
N LYS E 150 0.16 13.96 -19.00
CA LYS E 150 1.36 14.64 -19.49
C LYS E 150 2.51 13.63 -19.65
N ASP E 151 2.31 12.42 -19.11
CA ASP E 151 3.24 11.30 -19.15
C ASP E 151 2.71 10.24 -20.16
N ASN E 152 3.58 9.83 -21.11
CA ASN E 152 3.29 8.84 -22.16
C ASN E 152 3.68 7.40 -21.76
N TYR E 153 2.72 6.68 -21.17
CA TYR E 153 2.84 5.30 -20.75
C TYR E 153 2.16 4.41 -21.79
N ILE E 154 1.55 5.09 -22.80
CA ILE E 154 0.73 4.66 -23.95
C ILE E 154 1.51 4.17 -25.18
N ARG E 155 2.85 4.31 -25.16
CA ARG E 155 3.76 3.92 -26.24
C ARG E 155 3.57 2.49 -26.64
N THR E 156 3.25 2.26 -27.90
CA THR E 156 2.89 0.91 -28.41
C THR E 156 4.09 0.17 -28.98
N ASP E 157 4.92 0.90 -29.73
CA ASP E 157 6.13 0.36 -30.33
C ASP E 157 7.36 1.25 -30.16
N PHE E 158 8.56 0.67 -30.30
CA PHE E 158 9.84 1.31 -30.03
C PHE E 158 10.79 1.25 -31.22
N GLU E 159 11.80 2.17 -31.28
CA GLU E 159 12.75 2.23 -32.39
C GLU E 159 13.80 1.13 -32.33
N ASN E 160 14.17 0.72 -31.12
CA ASN E 160 15.19 -0.29 -30.87
C ASN E 160 15.06 -0.77 -29.44
N ASP E 161 15.93 -1.70 -29.05
CA ASP E 161 15.90 -2.26 -27.71
C ASP E 161 16.23 -1.24 -26.63
N GLN E 162 17.13 -0.27 -26.94
CA GLN E 162 17.55 0.78 -26.01
C GLN E 162 16.38 1.64 -25.59
N ASP E 163 15.54 2.02 -26.56
CA ASP E 163 14.31 2.79 -26.37
C ASP E 163 13.34 2.00 -25.47
N TYR E 164 13.17 0.69 -25.74
CA TYR E 164 12.29 -0.16 -24.96
C TYR E 164 12.81 -0.40 -23.54
N GLN E 165 14.12 -0.64 -23.35
CA GLN E 165 14.63 -0.83 -21.99
C GLN E 165 14.58 0.49 -21.22
N GLN E 166 14.69 1.63 -21.90
CA GLN E 166 14.51 2.91 -21.24
C GLN E 166 13.09 2.92 -20.63
N PHE E 167 12.08 2.57 -21.48
CA PHE E 167 10.66 2.47 -21.14
C PHE E 167 10.39 1.51 -19.99
N LEU E 168 10.97 0.29 -20.04
CA LEU E 168 10.84 -0.74 -19.02
C LEU E 168 11.43 -0.27 -17.69
N ASP E 169 12.63 0.34 -17.73
CA ASP E 169 13.27 0.85 -16.53
C ASP E 169 12.52 2.03 -15.91
N GLU E 170 11.94 2.90 -16.75
CA GLU E 170 11.13 4.03 -16.29
C GLU E 170 9.88 3.48 -15.59
N THR E 171 9.24 2.46 -16.20
CA THR E 171 8.05 1.76 -15.70
C THR E 171 8.28 1.22 -14.27
N LYS E 172 9.42 0.54 -14.05
CA LYS E 172 9.80 0.00 -12.75
C LYS E 172 10.09 1.14 -11.75
N ARG E 173 10.75 2.22 -12.23
CA ARG E 173 11.14 3.38 -11.42
C ARG E 173 9.91 4.11 -10.90
N LYS E 174 8.86 4.22 -11.73
CA LYS E 174 7.61 4.89 -11.38
C LYS E 174 6.74 4.06 -10.41
N SER E 175 6.93 2.72 -10.37
CA SER E 175 6.15 1.78 -9.54
C SER E 175 6.08 2.12 -8.06
N VAL E 176 4.86 2.00 -7.50
CA VAL E 176 4.51 2.23 -6.09
C VAL E 176 4.58 0.88 -5.37
N ILE E 177 4.77 -0.21 -6.15
CA ILE E 177 4.88 -1.57 -5.67
C ILE E 177 6.22 -2.26 -6.01
N ASN E 178 6.68 -3.18 -5.14
CA ASN E 178 7.89 -3.97 -5.31
C ASN E 178 7.47 -5.35 -5.87
N SER E 179 8.09 -5.74 -6.98
CA SER E 179 7.78 -7.00 -7.63
C SER E 179 9.03 -7.83 -7.91
N ASP E 180 8.87 -9.17 -7.90
CA ASP E 180 9.96 -10.10 -8.19
C ASP E 180 9.95 -10.55 -9.68
N VAL E 181 9.07 -9.95 -10.51
CA VAL E 181 9.03 -10.29 -11.94
C VAL E 181 10.14 -9.58 -12.72
N ASN E 182 10.87 -10.37 -13.51
CA ASN E 182 11.98 -9.93 -14.34
C ASN E 182 11.48 -9.71 -15.74
N VAL E 183 11.64 -8.48 -16.21
CA VAL E 183 11.20 -8.06 -17.51
C VAL E 183 12.39 -7.56 -18.31
N THR E 184 12.64 -8.18 -19.47
CA THR E 184 13.72 -7.85 -20.39
C THR E 184 13.16 -7.33 -21.70
N VAL E 185 14.04 -6.85 -22.60
CA VAL E 185 13.62 -6.36 -23.92
C VAL E 185 13.08 -7.47 -24.85
N LYS E 186 13.24 -8.76 -24.45
CA LYS E 186 12.79 -9.91 -25.20
C LYS E 186 11.34 -10.22 -24.86
N ASP E 187 10.81 -9.55 -23.82
CA ASP E 187 9.45 -9.66 -23.32
C ASP E 187 8.48 -8.65 -23.94
N ARG E 188 7.17 -9.03 -23.89
CA ARG E 188 6.06 -8.21 -24.33
C ARG E 188 5.23 -7.84 -23.12
N ILE E 189 4.78 -6.61 -23.12
CA ILE E 189 4.09 -6.00 -22.01
C ILE E 189 2.61 -5.67 -22.22
N MET E 190 1.92 -5.56 -21.11
CA MET E 190 0.55 -5.12 -21.16
C MET E 190 0.32 -4.00 -20.17
N THR E 191 -0.21 -2.88 -20.65
CA THR E 191 -0.56 -1.81 -19.73
C THR E 191 -2.04 -1.72 -19.57
N LEU E 192 -2.47 -1.69 -18.32
CA LEU E 192 -3.87 -1.50 -17.94
C LEU E 192 -3.94 -0.06 -17.36
N SER E 193 -4.52 0.84 -18.12
CA SER E 193 -4.70 2.24 -17.71
C SER E 193 -6.19 2.49 -17.31
N THR E 194 -6.48 3.58 -16.58
CA THR E 194 -7.87 3.96 -16.27
C THR E 194 -8.29 4.94 -17.35
N CYS E 195 -9.59 4.97 -17.60
CA CYS E 195 -10.27 5.80 -18.60
C CYS E 195 -11.22 6.73 -17.89
N GLU E 196 -11.18 7.98 -18.32
CA GLU E 196 -12.10 9.03 -17.90
C GLU E 196 -12.94 9.41 -19.10
N ASP E 197 -14.13 9.98 -18.85
CA ASP E 197 -15.00 10.42 -19.94
C ASP E 197 -14.33 11.53 -20.74
N ALA E 198 -14.78 11.71 -21.99
CA ALA E 198 -14.25 12.73 -22.89
C ALA E 198 -14.36 14.11 -22.26
N TYR E 199 -13.26 14.90 -22.38
CA TYR E 199 -13.16 16.29 -21.91
C TYR E 199 -13.35 16.44 -20.39
N SER E 200 -12.97 15.41 -19.61
CA SER E 200 -13.09 15.42 -18.14
C SER E 200 -12.00 16.31 -17.53
N GLU E 201 -12.31 17.01 -16.42
CA GLU E 201 -11.37 17.88 -15.71
C GLU E 201 -10.23 17.06 -15.04
N THR E 202 -10.51 15.78 -14.66
CA THR E 202 -9.54 14.84 -14.06
C THR E 202 -8.46 14.48 -15.08
N THR E 203 -7.20 14.67 -14.66
CA THR E 203 -6.05 14.38 -15.49
C THR E 203 -5.30 13.15 -14.97
N LYS E 204 -5.55 12.76 -13.68
CA LYS E 204 -4.92 11.59 -13.05
C LYS E 204 -5.42 10.26 -13.61
N ARG E 205 -4.47 9.37 -13.93
CA ARG E 205 -4.68 8.04 -14.48
C ARG E 205 -3.92 7.02 -13.61
N ILE E 206 -4.47 5.81 -13.48
CA ILE E 206 -3.87 4.70 -12.72
C ILE E 206 -3.36 3.64 -13.70
N VAL E 207 -2.05 3.45 -13.77
CA VAL E 207 -1.45 2.47 -14.68
C VAL E 207 -1.01 1.24 -13.94
N VAL E 208 -1.32 0.09 -14.49
CA VAL E 208 -0.81 -1.18 -13.96
C VAL E 208 -0.13 -1.85 -15.17
N VAL E 209 1.17 -2.17 -15.04
CA VAL E 209 1.94 -2.77 -16.14
C VAL E 209 2.29 -4.19 -15.78
N ALA E 210 2.15 -5.09 -16.76
CA ALA E 210 2.43 -6.51 -16.58
C ALA E 210 3.18 -7.16 -17.75
N LYS E 211 3.99 -8.20 -17.44
CA LYS E 211 4.71 -9.03 -18.41
C LYS E 211 3.74 -10.16 -18.90
N ILE E 212 3.49 -10.21 -20.25
CA ILE E 212 2.63 -11.21 -20.91
C ILE E 212 3.35 -12.56 -21.00
N ILE E 213 2.73 -13.61 -20.43
CA ILE E 213 3.27 -14.98 -20.50
C ILE E 213 2.23 -15.86 -21.16
N LYS E 214 2.62 -16.62 -22.20
CA LYS E 214 1.65 -17.53 -22.83
C LYS E 214 1.63 -18.84 -22.07
N VAL E 215 0.44 -19.21 -21.59
CA VAL E 215 0.26 -20.45 -20.82
C VAL E 215 -0.29 -21.65 -21.62
N SER E 216 -0.85 -21.37 -22.81
CA SER E 216 -1.37 -22.36 -23.78
C SER E 216 -0.31 -22.77 -24.80
N ASN F 2 -2.14 13.77 -27.59
CA ASN F 2 -2.38 12.52 -26.85
C ASN F 2 -3.73 11.86 -27.22
N PRO F 3 -3.76 10.52 -27.49
CA PRO F 3 -5.04 9.88 -27.79
C PRO F 3 -5.97 9.82 -26.57
N GLN F 4 -7.21 9.31 -26.78
CA GLN F 4 -8.18 9.14 -25.71
C GLN F 4 -7.68 7.94 -24.89
N SER G 1 26.80 -25.58 13.38
CA SER G 1 27.63 -24.46 12.96
C SER G 1 28.52 -24.80 11.77
N MET G 2 29.39 -25.84 11.86
CA MET G 2 30.22 -26.26 10.72
C MET G 2 29.29 -26.72 9.59
N GLU G 3 28.16 -27.39 9.91
CA GLU G 3 27.16 -27.76 8.90
C GLU G 3 26.45 -26.45 8.55
N ASP G 4 25.53 -26.01 9.44
CA ASP G 4 24.60 -24.87 9.36
C ASP G 4 25.09 -23.54 8.71
N LYS G 5 26.42 -23.33 8.66
CA LYS G 5 26.96 -22.14 8.01
C LYS G 5 27.52 -22.53 6.65
N GLN G 6 28.27 -23.64 6.58
CA GLN G 6 28.89 -24.17 5.36
C GLN G 6 27.83 -24.66 4.39
N GLU G 7 26.88 -25.52 4.86
CA GLU G 7 25.76 -26.04 4.06
C GLU G 7 24.97 -24.85 3.54
N ARG G 8 24.65 -23.88 4.43
CA ARG G 8 23.88 -22.71 4.06
C ARG G 8 24.59 -21.89 2.96
N ALA G 9 25.92 -21.66 3.10
CA ALA G 9 26.73 -20.95 2.09
C ALA G 9 26.80 -21.70 0.77
N ASN G 10 26.84 -23.05 0.82
CA ASN G 10 26.86 -23.86 -0.39
C ASN G 10 25.53 -23.76 -1.14
N TYR G 11 24.40 -23.66 -0.41
CA TYR G 11 23.10 -23.50 -1.04
C TYR G 11 23.00 -22.12 -1.63
N GLU G 12 23.51 -21.08 -0.91
CA GLU G 12 23.54 -19.68 -1.39
C GLU G 12 24.31 -19.63 -2.69
N LYS G 13 25.47 -20.25 -2.75
CA LYS G 13 26.30 -20.33 -3.94
C LYS G 13 25.56 -20.98 -5.11
N LEU G 14 24.89 -22.12 -4.88
CA LEU G 14 24.16 -22.83 -5.95
C LEU G 14 22.97 -22.03 -6.42
N GLN G 15 22.24 -21.41 -5.47
CA GLN G 15 21.10 -20.52 -5.75
C GLN G 15 21.54 -19.39 -6.66
N GLN G 16 22.71 -18.79 -6.37
CA GLN G 16 23.30 -17.71 -7.16
C GLN G 16 23.67 -18.17 -8.56
N LYS G 17 24.34 -19.33 -8.69
CA LYS G 17 24.70 -19.95 -9.98
C LYS G 17 23.46 -20.14 -10.85
N PHE G 18 22.35 -20.68 -10.26
CA PHE G 18 21.11 -20.90 -10.96
C PHE G 18 20.40 -19.58 -11.42
N GLN G 19 20.41 -18.53 -10.57
CA GLN G 19 19.90 -17.19 -10.92
C GLN G 19 20.76 -16.58 -12.06
N MET G 20 22.05 -16.94 -12.13
CA MET G 20 22.92 -16.44 -13.18
C MET G 20 22.57 -17.18 -14.48
N LEU G 21 22.46 -18.51 -14.40
CA LEU G 21 22.09 -19.37 -15.52
C LEU G 21 20.74 -19.00 -16.16
N MET G 22 19.74 -18.66 -15.32
CA MET G 22 18.39 -18.21 -15.71
C MET G 22 18.46 -16.89 -16.51
N SER G 23 19.21 -15.89 -15.99
CA SER G 23 19.46 -14.57 -16.60
C SER G 23 20.23 -14.66 -17.93
N LYS G 24 21.11 -15.67 -18.05
CA LYS G 24 21.94 -15.91 -19.23
C LYS G 24 21.15 -16.58 -20.36
N HIS G 25 20.31 -17.57 -20.04
CA HIS G 25 19.52 -18.32 -21.02
C HIS G 25 18.04 -17.88 -20.91
N GLN G 26 17.81 -16.65 -21.34
CA GLN G 26 16.57 -15.89 -21.31
C GLN G 26 15.32 -16.62 -21.86
N GLU G 27 15.45 -17.36 -22.97
CA GLU G 27 14.29 -18.11 -23.52
C GLU G 27 14.33 -19.58 -23.12
N HIS G 28 15.51 -20.22 -23.27
CA HIS G 28 15.76 -21.63 -23.00
C HIS G 28 15.80 -22.04 -21.55
N VAL G 29 15.85 -23.38 -21.34
CA VAL G 29 15.83 -24.05 -20.05
C VAL G 29 16.82 -25.25 -19.96
N ARG G 30 17.09 -25.94 -21.11
CA ARG G 30 18.00 -27.09 -21.22
C ARG G 30 19.45 -26.73 -20.88
N PRO G 31 20.04 -25.63 -21.41
CA PRO G 31 21.41 -25.30 -21.04
C PRO G 31 21.64 -25.13 -19.54
N GLN G 32 20.65 -24.61 -18.78
CA GLN G 32 20.77 -24.43 -17.33
C GLN G 32 20.77 -25.75 -16.55
N PHE G 33 20.09 -26.77 -17.09
CA PHE G 33 20.06 -28.09 -16.46
C PHE G 33 21.24 -28.96 -16.91
N GLU G 34 21.77 -28.70 -18.11
CA GLU G 34 22.97 -29.37 -18.61
C GLU G 34 24.18 -28.90 -17.77
N SER G 35 24.18 -27.60 -17.40
CA SER G 35 25.21 -26.97 -16.56
C SER G 35 25.14 -27.53 -15.15
N LEU G 36 23.94 -27.57 -14.58
CA LEU G 36 23.68 -28.10 -13.26
C LEU G 36 24.02 -29.63 -13.17
N GLU G 37 23.88 -30.36 -14.29
CA GLU G 37 24.18 -31.81 -14.35
C GLU G 37 25.67 -32.10 -14.26
N LYS G 38 26.52 -31.09 -14.52
CA LYS G 38 27.98 -31.21 -14.38
C LYS G 38 28.29 -31.40 -12.89
N ILE G 39 27.53 -30.71 -12.00
CA ILE G 39 27.65 -30.80 -10.53
C ILE G 39 27.14 -32.20 -10.10
N ASN G 40 25.94 -32.58 -10.53
CA ASN G 40 25.34 -33.87 -10.23
C ASN G 40 24.33 -34.20 -11.31
N LYS G 41 24.56 -35.32 -12.00
CA LYS G 41 23.71 -35.82 -13.07
C LYS G 41 22.26 -36.12 -12.56
N ASP G 42 22.11 -36.21 -11.22
CA ASP G 42 20.86 -36.46 -10.53
C ASP G 42 20.02 -35.23 -10.28
N ILE G 43 20.58 -34.04 -10.56
CA ILE G 43 19.83 -32.77 -10.47
C ILE G 43 18.92 -32.75 -11.69
N VAL G 44 17.62 -32.90 -11.44
CA VAL G 44 16.59 -33.06 -12.43
C VAL G 44 15.69 -31.80 -12.59
N GLY G 45 15.72 -30.96 -11.57
CA GLY G 45 14.91 -29.74 -11.57
C GLY G 45 15.31 -28.70 -10.54
N TRP G 46 14.52 -27.62 -10.48
CA TRP G 46 14.69 -26.57 -9.49
C TRP G 46 13.33 -26.13 -9.01
N ILE G 47 13.16 -25.94 -7.69
CA ILE G 47 11.90 -25.48 -7.09
C ILE G 47 12.11 -24.13 -6.38
N LYS G 48 11.22 -23.14 -6.62
CA LYS G 48 11.40 -21.83 -6.01
C LYS G 48 10.10 -21.10 -5.69
N LEU G 49 9.98 -20.66 -4.44
CA LEU G 49 8.87 -19.83 -4.01
C LEU G 49 9.52 -18.55 -3.50
N SER G 50 9.29 -17.45 -4.25
CA SER G 50 9.86 -16.15 -3.94
C SER G 50 9.37 -15.65 -2.59
N GLY G 51 10.29 -15.05 -1.86
CA GLY G 51 10.01 -14.46 -0.57
C GLY G 51 10.12 -15.44 0.58
N THR G 52 10.39 -16.72 0.25
CA THR G 52 10.51 -17.82 1.21
C THR G 52 11.86 -18.50 1.01
N SER G 53 12.17 -19.46 1.90
CA SER G 53 13.41 -20.23 1.87
C SER G 53 13.43 -21.31 0.79
N LEU G 54 12.26 -21.63 0.20
CA LEU G 54 12.15 -22.65 -0.85
C LEU G 54 12.79 -22.12 -2.14
N ASN G 55 14.04 -22.54 -2.39
CA ASN G 55 14.86 -22.16 -3.55
C ASN G 55 15.94 -23.22 -3.66
N TYR G 56 15.55 -24.41 -4.12
CA TYR G 56 16.45 -25.55 -4.14
C TYR G 56 16.50 -26.37 -5.40
N PRO G 57 17.62 -27.08 -5.66
CA PRO G 57 17.64 -28.03 -6.78
C PRO G 57 16.78 -29.22 -6.41
N VAL G 58 16.33 -29.98 -7.41
CA VAL G 58 15.52 -31.16 -7.16
C VAL G 58 16.29 -32.32 -7.68
N LEU G 59 16.58 -33.27 -6.81
CA LEU G 59 17.32 -34.46 -7.16
C LEU G 59 16.42 -35.70 -7.32
N GLN G 60 16.97 -36.74 -7.96
CA GLN G 60 16.26 -38.00 -8.18
C GLN G 60 17.24 -39.16 -8.28
N GLY G 61 17.02 -40.15 -7.43
CA GLY G 61 17.84 -41.34 -7.40
C GLY G 61 17.03 -42.51 -7.94
N LYS G 62 17.58 -43.73 -7.82
CA LYS G 62 16.95 -44.97 -8.26
C LYS G 62 15.87 -45.37 -7.25
N THR G 63 15.89 -44.72 -6.07
CA THR G 63 14.96 -44.93 -4.95
C THR G 63 14.65 -43.68 -4.10
N ASN G 64 13.59 -43.74 -3.26
CA ASN G 64 13.17 -42.62 -2.41
C ASN G 64 13.95 -42.45 -1.11
N HIS G 65 15.23 -42.83 -1.11
CA HIS G 65 16.08 -42.66 0.07
C HIS G 65 17.52 -42.26 -0.26
N ASP G 66 17.91 -42.28 -1.55
CA ASP G 66 19.23 -41.87 -2.04
C ASP G 66 19.64 -40.51 -1.46
N TYR G 67 18.75 -39.51 -1.65
CA TYR G 67 18.93 -38.12 -1.25
C TYR G 67 18.11 -37.72 -0.01
N LEU G 68 17.73 -38.70 0.79
CA LEU G 68 17.03 -38.48 2.07
C LEU G 68 18.03 -37.80 3.01
N ASN G 69 19.27 -38.33 3.03
CA ASN G 69 20.37 -37.85 3.85
C ASN G 69 21.62 -37.38 3.06
N LEU G 70 21.50 -37.14 1.74
CA LEU G 70 22.56 -36.58 0.87
C LEU G 70 22.10 -35.27 0.21
N ASP G 71 23.02 -34.32 0.01
CA ASP G 71 22.76 -33.04 -0.66
C ASP G 71 23.09 -33.13 -2.16
N PHE G 72 22.92 -32.02 -2.89
CA PHE G 72 23.19 -31.92 -4.32
C PHE G 72 24.61 -32.37 -4.73
N GLU G 73 25.62 -32.24 -3.84
CA GLU G 73 26.97 -32.71 -4.18
C GLU G 73 27.30 -34.11 -3.62
N ARG G 74 26.25 -34.86 -3.26
CA ARG G 74 26.31 -36.22 -2.71
C ARG G 74 27.04 -36.30 -1.36
N GLU G 75 26.99 -35.19 -0.59
CA GLU G 75 27.58 -35.08 0.73
C GLU G 75 26.50 -35.38 1.78
N HIS G 76 26.87 -36.12 2.83
CA HIS G 76 25.99 -36.50 3.92
C HIS G 76 25.51 -35.26 4.70
N ARG G 77 24.20 -35.03 4.69
CA ARG G 77 23.57 -33.94 5.44
C ARG G 77 22.26 -34.51 6.01
N ARG G 78 21.98 -34.31 7.31
CA ARG G 78 20.74 -34.77 7.98
C ARG G 78 19.46 -34.32 7.22
N LYS G 79 19.46 -33.04 6.75
CA LYS G 79 18.36 -32.43 6.00
C LYS G 79 18.30 -32.86 4.52
N GLY G 80 19.32 -33.59 4.06
CA GLY G 80 19.42 -34.11 2.69
C GLY G 80 19.05 -33.11 1.62
N SER G 81 18.26 -33.55 0.66
CA SER G 81 17.85 -32.65 -0.40
C SER G 81 16.38 -32.74 -0.81
N ILE G 82 15.96 -31.81 -1.67
CA ILE G 82 14.61 -31.83 -2.22
C ILE G 82 14.65 -32.90 -3.30
N PHE G 83 13.88 -33.98 -3.14
CA PHE G 83 13.97 -35.02 -4.16
C PHE G 83 12.66 -35.46 -4.74
N MET G 84 12.75 -35.99 -5.97
CA MET G 84 11.68 -36.59 -6.76
C MET G 84 11.49 -38.07 -6.46
N ASP G 85 10.23 -38.57 -6.48
CA ASP G 85 9.90 -40.01 -6.34
C ASP G 85 10.53 -40.74 -7.55
N PHE G 86 11.29 -41.82 -7.31
CA PHE G 86 12.03 -42.60 -8.33
C PHE G 86 11.18 -43.03 -9.53
N ARG G 87 9.88 -43.23 -9.30
CA ARG G 87 8.93 -43.66 -10.32
C ARG G 87 8.67 -42.57 -11.38
N ASN G 88 8.77 -41.29 -10.98
CA ASN G 88 8.46 -40.15 -11.85
C ASN G 88 9.42 -39.92 -13.00
N GLU G 89 8.84 -39.50 -14.14
CA GLU G 89 9.54 -39.13 -15.36
C GLU G 89 9.37 -37.61 -15.53
N LEU G 90 10.25 -36.95 -16.30
CA LEU G 90 10.15 -35.51 -16.57
C LEU G 90 9.90 -35.15 -18.03
N LYS G 91 10.45 -35.95 -18.98
CA LYS G 91 10.27 -35.80 -20.44
C LYS G 91 8.78 -35.77 -20.75
N ASN G 92 8.05 -36.83 -20.32
CA ASN G 92 6.60 -36.98 -20.45
C ASN G 92 6.07 -37.30 -19.06
N LEU G 93 5.60 -36.25 -18.36
CA LEU G 93 5.13 -36.27 -16.96
C LEU G 93 4.05 -37.25 -16.75
N ASN G 94 4.09 -37.92 -15.60
CA ASN G 94 3.05 -38.84 -15.15
C ASN G 94 1.90 -37.96 -14.65
N HIS G 95 0.76 -38.57 -14.34
CA HIS G 95 -0.39 -37.83 -13.86
C HIS G 95 -0.10 -37.07 -12.56
N ASN G 96 0.65 -37.71 -11.62
CA ASN G 96 1.08 -37.13 -10.35
C ASN G 96 2.60 -37.23 -10.17
N THR G 97 3.25 -36.07 -10.01
CA THR G 97 4.68 -35.97 -9.79
C THR G 97 4.92 -35.60 -8.32
N ILE G 98 5.65 -36.43 -7.59
CA ILE G 98 5.79 -36.20 -6.17
C ILE G 98 7.16 -35.75 -5.70
N LEU G 99 7.19 -34.83 -4.72
CA LEU G 99 8.40 -34.25 -4.17
C LEU G 99 8.43 -34.31 -2.67
N TYR G 100 9.54 -34.86 -2.14
CA TYR G 100 9.81 -34.99 -0.73
C TYR G 100 10.94 -34.04 -0.32
N GLY G 101 10.80 -33.58 0.91
CA GLY G 101 11.71 -32.67 1.60
C GLY G 101 11.42 -32.60 3.07
N HIS G 102 12.47 -32.58 3.87
CA HIS G 102 12.41 -32.49 5.31
C HIS G 102 11.80 -31.17 5.82
N HIS G 103 11.26 -31.22 7.05
CA HIS G 103 10.67 -30.10 7.80
C HIS G 103 11.17 -30.08 9.28
N VAL G 104 12.38 -29.55 9.49
CA VAL G 104 12.98 -29.54 10.84
C VAL G 104 12.74 -28.26 11.69
N GLY G 105 12.01 -27.31 11.13
CA GLY G 105 11.65 -26.05 11.77
C GLY G 105 12.73 -24.99 11.87
N ASP G 106 13.70 -25.02 10.95
CA ASP G 106 14.78 -24.01 10.91
C ASP G 106 14.63 -23.14 9.66
N ASN G 107 13.40 -23.12 9.10
CA ASN G 107 13.02 -22.41 7.89
C ASN G 107 13.85 -22.79 6.67
N THR G 108 13.99 -24.09 6.40
CA THR G 108 14.72 -24.64 5.25
C THR G 108 13.95 -25.81 4.62
N MET G 109 14.36 -26.23 3.41
CA MET G 109 13.76 -27.33 2.65
C MET G 109 12.24 -27.15 2.52
N PHE G 110 11.43 -28.09 3.07
CA PHE G 110 9.95 -28.05 3.02
C PHE G 110 9.27 -27.57 4.35
N ASP G 111 9.94 -26.66 5.10
CA ASP G 111 9.41 -26.04 6.32
C ASP G 111 8.26 -25.06 5.89
N VAL G 112 8.29 -24.61 4.61
CA VAL G 112 7.32 -23.71 4.00
C VAL G 112 5.96 -24.32 3.71
N LEU G 113 5.90 -25.65 3.55
CA LEU G 113 4.67 -26.38 3.28
C LEU G 113 3.66 -26.25 4.44
N GLU G 114 4.15 -26.20 5.70
CA GLU G 114 3.38 -26.00 6.93
C GLU G 114 2.63 -24.66 6.88
N ASP G 115 3.26 -23.65 6.24
CA ASP G 115 2.65 -22.33 6.07
C ASP G 115 1.42 -22.33 5.17
N TYR G 116 1.34 -23.27 4.21
CA TYR G 116 0.22 -23.43 3.27
C TYR G 116 -1.08 -23.92 3.90
N LEU G 117 -1.01 -24.35 5.18
CA LEU G 117 -2.17 -24.78 5.95
C LEU G 117 -2.97 -23.55 6.41
N LYS G 118 -2.46 -22.33 6.14
CA LYS G 118 -3.07 -21.05 6.46
C LYS G 118 -3.55 -20.39 5.17
N GLN G 119 -4.83 -19.96 5.16
CA GLN G 119 -5.44 -19.28 4.03
C GLN G 119 -4.67 -18.01 3.63
N SER G 120 -4.32 -17.15 4.61
CA SER G 120 -3.58 -15.91 4.41
C SER G 120 -2.24 -16.09 3.67
N PHE G 121 -1.44 -17.09 4.08
CA PHE G 121 -0.16 -17.42 3.43
C PHE G 121 -0.42 -17.88 1.99
N TYR G 122 -1.33 -18.87 1.81
CA TYR G 122 -1.70 -19.40 0.51
C TYR G 122 -1.98 -18.28 -0.51
N GLU G 123 -2.87 -17.33 -0.14
CA GLU G 123 -3.31 -16.20 -0.96
C GLU G 123 -2.15 -15.38 -1.48
N LYS G 124 -1.08 -15.24 -0.67
CA LYS G 124 0.12 -14.49 -1.04
C LYS G 124 1.15 -15.36 -1.80
N HIS G 125 0.96 -16.69 -1.83
CA HIS G 125 1.91 -17.62 -2.45
C HIS G 125 1.20 -18.73 -3.24
N LYS G 126 0.26 -18.38 -4.10
CA LYS G 126 -0.54 -19.32 -4.89
C LYS G 126 0.26 -20.05 -5.96
N ILE G 127 1.39 -19.47 -6.39
CA ILE G 127 2.23 -20.00 -7.46
C ILE G 127 3.67 -20.26 -7.05
N ILE G 128 4.16 -21.49 -7.29
CA ILE G 128 5.53 -21.97 -7.04
C ILE G 128 6.19 -22.21 -8.40
N GLU G 129 7.47 -21.83 -8.53
CA GLU G 129 8.24 -22.00 -9.76
C GLU G 129 8.87 -23.39 -9.78
N PHE G 130 8.73 -24.08 -10.91
CA PHE G 130 9.36 -25.38 -11.09
C PHE G 130 9.99 -25.40 -12.48
N ASP G 131 11.29 -25.69 -12.55
CA ASP G 131 11.96 -25.76 -13.85
C ASP G 131 12.71 -27.05 -13.98
N ASN G 132 12.89 -27.48 -15.23
CA ASN G 132 13.66 -28.68 -15.60
C ASN G 132 14.23 -28.53 -17.01
N LYS G 133 14.84 -29.60 -17.51
CA LYS G 133 15.48 -29.66 -18.82
C LYS G 133 14.47 -29.46 -19.97
N TYR G 134 13.22 -29.85 -19.72
CA TYR G 134 12.08 -29.88 -20.64
C TYR G 134 11.16 -28.66 -20.68
N GLY G 135 11.25 -27.79 -19.67
CA GLY G 135 10.47 -26.56 -19.64
C GLY G 135 10.43 -25.82 -18.33
N LYS G 136 9.90 -24.59 -18.39
CA LYS G 136 9.64 -23.73 -17.23
C LYS G 136 8.17 -23.99 -16.85
N TYR G 137 7.90 -24.24 -15.57
CA TYR G 137 6.55 -24.55 -15.13
C TYR G 137 6.13 -23.73 -13.93
N GLN G 138 4.81 -23.67 -13.73
CA GLN G 138 4.17 -23.09 -12.56
C GLN G 138 3.48 -24.21 -11.82
N LEU G 139 3.49 -24.13 -10.50
CA LEU G 139 2.82 -25.07 -9.61
C LEU G 139 1.69 -24.27 -8.99
N GLN G 140 0.49 -24.46 -9.51
CA GLN G 140 -0.67 -23.68 -9.05
C GLN G 140 -1.36 -24.43 -7.94
N VAL G 141 -0.96 -24.09 -6.69
CA VAL G 141 -1.40 -24.69 -5.43
C VAL G 141 -2.92 -24.65 -5.33
N PHE G 142 -3.56 -25.79 -5.07
CA PHE G 142 -5.01 -25.85 -4.90
C PHE G 142 -5.43 -26.57 -3.62
N SER G 143 -4.54 -27.37 -3.05
CA SER G 143 -4.84 -28.13 -1.84
C SER G 143 -3.65 -28.19 -0.88
N ALA G 144 -3.93 -28.16 0.43
CA ALA G 144 -2.92 -28.27 1.50
C ALA G 144 -3.58 -28.90 2.70
N TYR G 145 -3.00 -30.02 3.18
CA TYR G 145 -3.53 -30.78 4.31
C TYR G 145 -2.48 -31.58 5.08
N LYS G 146 -2.81 -31.92 6.33
CA LYS G 146 -2.01 -32.76 7.20
C LYS G 146 -2.65 -34.15 7.07
N THR G 147 -1.82 -35.20 6.93
CA THR G 147 -2.28 -36.57 6.80
C THR G 147 -1.28 -37.52 7.44
N THR G 148 -1.56 -38.82 7.39
CA THR G 148 -0.66 -39.84 7.94
C THR G 148 -0.03 -40.62 6.79
N THR G 149 0.67 -41.69 7.12
CA THR G 149 1.30 -42.57 6.14
C THR G 149 0.32 -43.71 5.77
N LYS G 150 -0.85 -43.77 6.45
CA LYS G 150 -1.91 -44.76 6.21
C LYS G 150 -2.76 -44.33 4.99
N ASP G 151 -2.58 -43.06 4.55
CA ASP G 151 -3.25 -42.46 3.42
C ASP G 151 -2.26 -42.36 2.23
N ASN G 152 -2.70 -42.86 1.04
CA ASN G 152 -1.93 -42.86 -0.21
C ASN G 152 -2.21 -41.62 -1.10
N TYR G 153 -1.42 -40.57 -0.90
CA TYR G 153 -1.46 -39.34 -1.65
C TYR G 153 -0.34 -39.34 -2.71
N ILE G 154 0.50 -40.41 -2.65
CA ILE G 154 1.68 -40.67 -3.49
C ILE G 154 1.44 -41.51 -4.76
N ARG G 155 0.16 -41.70 -5.15
CA ARG G 155 -0.26 -42.40 -6.38
C ARG G 155 0.28 -41.65 -7.58
N THR G 156 1.01 -42.35 -8.44
CA THR G 156 1.73 -41.77 -9.58
C THR G 156 0.93 -41.84 -10.86
N ASP G 157 0.31 -42.99 -11.10
CA ASP G 157 -0.54 -43.19 -12.27
C ASP G 157 -1.89 -43.83 -11.95
N PHE G 158 -2.86 -43.67 -12.86
CA PHE G 158 -4.26 -44.10 -12.69
C PHE G 158 -4.73 -45.04 -13.79
N GLU G 159 -5.78 -45.88 -13.51
CA GLU G 159 -6.29 -46.83 -14.47
C GLU G 159 -7.14 -46.20 -15.56
N ASN G 160 -7.82 -45.12 -15.22
CA ASN G 160 -8.73 -44.40 -16.12
C ASN G 160 -9.02 -43.04 -15.54
N ASP G 161 -9.82 -42.25 -16.27
CA ASP G 161 -10.15 -40.91 -15.81
C ASP G 161 -10.99 -40.89 -14.52
N GLN G 162 -11.85 -41.90 -14.33
CA GLN G 162 -12.70 -41.99 -13.15
C GLN G 162 -11.85 -42.13 -11.88
N ASP G 163 -10.81 -42.97 -11.93
CA ASP G 163 -9.85 -43.19 -10.85
C ASP G 163 -9.13 -41.88 -10.54
N TYR G 164 -8.68 -41.18 -11.60
CA TYR G 164 -7.97 -39.91 -11.46
C TYR G 164 -8.90 -38.85 -10.91
N GLN G 165 -10.16 -38.82 -11.38
CA GLN G 165 -11.14 -37.85 -10.90
C GLN G 165 -11.43 -38.06 -9.43
N GLN G 166 -11.57 -39.33 -9.01
CA GLN G 166 -11.78 -39.71 -7.61
C GLN G 166 -10.67 -39.08 -6.76
N PHE G 167 -9.39 -39.30 -7.18
CA PHE G 167 -8.17 -38.81 -6.57
C PHE G 167 -8.15 -37.31 -6.41
N LEU G 168 -8.49 -36.56 -7.50
CA LEU G 168 -8.56 -35.10 -7.53
C LEU G 168 -9.62 -34.59 -6.58
N ASP G 169 -10.81 -35.20 -6.63
CA ASP G 169 -11.90 -34.79 -5.74
C ASP G 169 -11.61 -35.07 -4.26
N GLU G 170 -10.92 -36.18 -3.97
CA GLU G 170 -10.48 -36.52 -2.62
C GLU G 170 -9.45 -35.47 -2.14
N THR G 171 -8.52 -35.09 -3.02
CA THR G 171 -7.48 -34.07 -2.80
C THR G 171 -8.09 -32.72 -2.38
N LYS G 172 -9.13 -32.27 -3.10
CA LYS G 172 -9.85 -31.03 -2.83
C LYS G 172 -10.63 -31.13 -1.51
N ARG G 173 -11.20 -32.33 -1.26
CA ARG G 173 -12.00 -32.62 -0.06
C ARG G 173 -11.15 -32.57 1.19
N LYS G 174 -9.91 -33.06 1.09
CA LYS G 174 -8.98 -33.08 2.21
C LYS G 174 -8.40 -31.69 2.53
N SER G 175 -8.40 -30.77 1.54
CA SER G 175 -7.82 -29.42 1.66
C SER G 175 -8.31 -28.59 2.85
N VAL G 176 -7.35 -27.94 3.54
CA VAL G 176 -7.53 -27.06 4.70
C VAL G 176 -7.63 -25.62 4.16
N ILE G 177 -7.38 -25.46 2.85
CA ILE G 177 -7.45 -24.18 2.15
C ILE G 177 -8.49 -24.14 1.00
N ASN G 178 -9.03 -22.93 0.72
CA ASN G 178 -9.97 -22.67 -0.36
C ASN G 178 -9.20 -22.07 -1.53
N SER G 179 -9.34 -22.68 -2.71
CA SER G 179 -8.63 -22.23 -3.90
C SER G 179 -9.56 -22.05 -5.09
N ASP G 180 -9.22 -21.09 -5.98
CA ASP G 180 -9.98 -20.83 -7.20
C ASP G 180 -9.40 -21.58 -8.42
N VAL G 181 -8.39 -22.46 -8.20
CA VAL G 181 -7.80 -23.24 -9.30
C VAL G 181 -8.64 -24.44 -9.68
N ASN G 182 -8.91 -24.55 -10.98
CA ASN G 182 -9.74 -25.59 -11.57
C ASN G 182 -8.84 -26.65 -12.12
N VAL G 183 -9.03 -27.86 -11.61
CA VAL G 183 -8.23 -29.01 -11.98
C VAL G 183 -9.15 -30.07 -12.53
N THR G 184 -8.90 -30.48 -13.79
CA THR G 184 -9.64 -31.52 -14.50
C THR G 184 -8.76 -32.77 -14.69
N VAL G 185 -9.35 -33.85 -15.20
CA VAL G 185 -8.62 -35.08 -15.53
C VAL G 185 -7.62 -34.90 -16.70
N LYS G 186 -7.71 -33.78 -17.43
CA LYS G 186 -6.85 -33.47 -18.57
C LYS G 186 -5.57 -32.78 -18.10
N ASP G 187 -5.54 -32.41 -16.82
CA ASP G 187 -4.42 -31.78 -16.12
C ASP G 187 -3.47 -32.78 -15.44
N ARG G 188 -2.23 -32.31 -15.22
CA ARG G 188 -1.18 -33.05 -14.53
C ARG G 188 -0.88 -32.31 -13.22
N ILE G 189 -0.66 -33.08 -12.17
CA ILE G 189 -0.52 -32.62 -10.80
C ILE G 189 0.88 -32.80 -10.19
N MET G 190 1.19 -31.97 -9.20
CA MET G 190 2.43 -32.12 -8.45
C MET G 190 2.14 -32.11 -6.98
N THR G 191 2.68 -33.12 -6.29
CA THR G 191 2.47 -33.29 -4.87
C THR G 191 3.75 -32.94 -4.17
N LEU G 192 3.66 -32.01 -3.22
CA LEU G 192 4.80 -31.69 -2.38
C LEU G 192 4.45 -32.21 -0.98
N SER G 193 5.17 -33.23 -0.57
CA SER G 193 4.96 -33.84 0.73
C SER G 193 6.18 -33.58 1.65
N THR G 194 6.00 -33.68 3.00
CA THR G 194 7.13 -33.59 3.92
C THR G 194 7.78 -34.96 4.00
N CYS G 195 9.02 -34.96 4.43
CA CYS G 195 9.82 -36.16 4.52
C CYS G 195 10.39 -36.25 5.92
N GLU G 196 10.21 -37.43 6.53
CA GLU G 196 10.77 -37.73 7.85
C GLU G 196 11.91 -38.73 7.65
N ASP G 197 12.83 -38.77 8.61
CA ASP G 197 13.95 -39.71 8.57
C ASP G 197 13.44 -41.15 8.64
N ALA G 198 14.25 -42.09 8.16
CA ALA G 198 13.92 -43.50 8.14
C ALA G 198 13.59 -43.99 9.53
N TYR G 199 12.49 -44.79 9.64
CA TYR G 199 12.00 -45.43 10.87
C TYR G 199 11.68 -44.41 12.00
N SER G 200 11.22 -43.20 11.64
CA SER G 200 10.85 -42.14 12.59
C SER G 200 9.51 -42.49 13.24
N GLU G 201 9.33 -42.11 14.52
CA GLU G 201 8.09 -42.36 15.27
C GLU G 201 6.90 -41.56 14.68
N THR G 202 7.19 -40.34 14.17
CA THR G 202 6.23 -39.43 13.54
C THR G 202 5.65 -40.03 12.25
N THR G 203 4.32 -40.07 12.17
CA THR G 203 3.62 -40.63 11.02
C THR G 203 2.95 -39.52 10.22
N LYS G 204 2.78 -38.31 10.84
CA LYS G 204 2.16 -37.13 10.22
C LYS G 204 2.99 -36.50 9.13
N ARG G 205 2.29 -36.08 8.06
CA ARG G 205 2.87 -35.57 6.84
C ARG G 205 2.04 -34.41 6.27
N ILE G 206 2.70 -33.26 6.00
CA ILE G 206 2.12 -32.09 5.37
C ILE G 206 2.12 -32.34 3.85
N VAL G 207 0.98 -32.17 3.18
CA VAL G 207 0.95 -32.34 1.74
C VAL G 207 0.43 -31.09 1.15
N VAL G 208 1.09 -30.60 0.07
CA VAL G 208 0.59 -29.49 -0.74
C VAL G 208 0.47 -30.02 -2.18
N VAL G 209 -0.71 -29.87 -2.79
CA VAL G 209 -0.95 -30.36 -4.14
C VAL G 209 -1.17 -29.19 -5.06
N ALA G 210 -0.56 -29.25 -6.25
CA ALA G 210 -0.68 -28.19 -7.25
C ALA G 210 -0.88 -28.68 -8.70
N LYS G 211 -1.59 -27.93 -9.52
CA LYS G 211 -1.71 -28.21 -10.95
C LYS G 211 -0.47 -27.61 -11.69
N ILE G 212 0.17 -28.44 -12.56
CA ILE G 212 1.34 -28.07 -13.36
C ILE G 212 0.93 -27.32 -14.63
N ILE G 213 1.45 -26.10 -14.82
CA ILE G 213 1.19 -25.29 -16.01
C ILE G 213 2.53 -24.99 -16.67
N LYS G 214 2.65 -25.25 -17.98
CA LYS G 214 3.88 -24.94 -18.68
C LYS G 214 3.85 -23.51 -19.14
N VAL G 215 4.83 -22.73 -18.69
CA VAL G 215 4.92 -21.31 -19.05
C VAL G 215 5.90 -20.98 -20.19
N SER G 216 6.80 -21.93 -20.53
CA SER G 216 7.76 -21.86 -21.64
C SER G 216 7.14 -22.45 -22.95
N ASN H 2 4.27 -49.42 1.90
CA ASN H 2 4.39 -48.02 1.52
C ASN H 2 5.85 -47.61 1.25
N PRO H 3 6.16 -46.89 0.12
CA PRO H 3 7.55 -46.47 -0.10
C PRO H 3 8.00 -45.41 0.92
N GLN H 4 9.29 -45.02 0.84
CA GLN H 4 9.83 -43.98 1.72
C GLN H 4 9.27 -42.65 1.19
#